data_7CKE
#
_entry.id   7CKE
#
_entity_poly.entity_id   1
_entity_poly.type   'polypeptide(L)'
_entity_poly.pdbx_seq_one_letter_code
;GEDIGHIKYCGIVDDCYKSKKPLFKIWKCVENVCVLWYK
;
_entity_poly.pdbx_strand_id   A
#
# COMPACT_ATOMS: atom_id res chain seq x y z
N GLY A 1 9.75 9.00 12.71
CA GLY A 1 8.69 9.08 11.72
C GLY A 1 9.21 9.04 10.30
N GLU A 2 8.42 8.47 9.40
CA GLU A 2 8.81 8.37 7.99
C GLU A 2 9.11 9.75 7.41
N ASP A 3 9.54 9.76 6.15
CA ASP A 3 9.86 11.01 5.48
C ASP A 3 9.95 10.81 3.97
N ILE A 4 8.80 10.74 3.32
CA ILE A 4 8.75 10.54 1.87
C ILE A 4 9.42 9.24 1.47
N GLY A 5 8.67 8.14 1.56
CA GLY A 5 9.21 6.85 1.19
C GLY A 5 8.95 6.49 -0.25
N HIS A 6 8.37 5.32 -0.48
CA HIS A 6 8.06 4.86 -1.83
C HIS A 6 6.55 4.79 -2.05
N ILE A 7 5.84 5.76 -1.52
CA ILE A 7 4.38 5.81 -1.66
C ILE A 7 3.97 6.22 -3.07
N LYS A 8 2.68 6.13 -3.34
CA LYS A 8 2.16 6.50 -4.66
C LYS A 8 0.75 7.07 -4.55
N TYR A 9 0.44 7.64 -3.39
CA TYR A 9 -0.88 8.22 -3.15
C TYR A 9 -1.98 7.23 -3.49
N CYS A 10 -2.21 6.27 -2.61
CA CYS A 10 -3.24 5.26 -2.81
C CYS A 10 -2.91 4.40 -4.04
N GLY A 11 -3.49 3.20 -4.08
CA GLY A 11 -3.25 2.30 -5.19
C GLY A 11 -4.29 2.45 -6.28
N ILE A 12 -5.53 2.10 -5.97
CA ILE A 12 -6.62 2.20 -6.93
C ILE A 12 -7.95 1.83 -6.29
N VAL A 13 -7.93 0.86 -5.39
CA VAL A 13 -9.13 0.41 -4.70
C VAL A 13 -8.80 -0.65 -3.66
N ASP A 14 -7.83 -1.50 -3.96
CA ASP A 14 -7.42 -2.56 -3.05
C ASP A 14 -6.28 -3.37 -3.64
N ASP A 15 -5.41 -2.71 -4.39
CA ASP A 15 -4.26 -3.38 -5.01
C ASP A 15 -3.05 -2.45 -5.06
N CYS A 16 -2.74 -1.83 -3.94
CA CYS A 16 -1.61 -0.92 -3.85
C CYS A 16 -0.33 -1.58 -4.35
N TYR A 17 -0.01 -2.73 -3.77
CA TYR A 17 1.19 -3.48 -4.16
C TYR A 17 1.23 -3.68 -5.67
N LYS A 18 2.42 -4.02 -6.17
CA LYS A 18 2.60 -4.25 -7.60
C LYS A 18 2.66 -5.75 -7.91
N SER A 19 1.50 -6.35 -8.08
CA SER A 19 1.42 -7.78 -8.38
C SER A 19 -0.03 -8.22 -8.58
N LYS A 20 -0.26 -9.01 -9.62
CA LYS A 20 -1.59 -9.50 -9.94
C LYS A 20 -1.81 -10.88 -9.34
N LYS A 21 -1.04 -11.21 -8.31
CA LYS A 21 -1.16 -12.50 -7.64
C LYS A 21 -0.20 -12.60 -6.46
N PRO A 22 -0.46 -11.80 -5.42
CA PRO A 22 0.36 -11.78 -4.21
C PRO A 22 0.23 -13.05 -3.39
N LEU A 23 0.82 -13.05 -2.21
CA LEU A 23 0.77 -14.22 -1.33
C LEU A 23 -0.10 -13.94 -0.10
N PHE A 24 -0.21 -12.67 0.26
CA PHE A 24 -1.02 -12.27 1.41
C PHE A 24 -1.32 -10.78 1.36
N LYS A 25 -2.44 -10.39 1.98
CA LYS A 25 -2.85 -9.00 2.00
C LYS A 25 -1.96 -8.18 2.94
N ILE A 26 -1.21 -7.25 2.36
CA ILE A 26 -0.31 -6.40 3.14
C ILE A 26 -0.48 -4.94 2.77
N TRP A 27 -0.03 -4.58 1.57
CA TRP A 27 -0.13 -3.21 1.09
C TRP A 27 -1.58 -2.84 0.78
N LYS A 28 -2.08 -1.80 1.44
CA LYS A 28 -3.44 -1.35 1.24
C LYS A 28 -3.52 0.17 1.21
N CYS A 29 -4.55 0.70 0.55
CA CYS A 29 -4.74 2.14 0.45
C CYS A 29 -5.34 2.70 1.73
N VAL A 30 -4.51 3.40 2.51
CA VAL A 30 -4.97 4.00 3.77
C VAL A 30 -4.28 5.34 4.01
N GLU A 31 -5.07 6.34 4.37
CA GLU A 31 -4.53 7.67 4.64
C GLU A 31 -3.90 8.27 3.40
N ASN A 32 -4.43 7.89 2.23
CA ASN A 32 -3.92 8.39 0.97
C ASN A 32 -2.47 7.95 0.75
N VAL A 33 -2.12 6.81 1.34
CA VAL A 33 -0.77 6.28 1.20
C VAL A 33 -0.77 4.76 1.30
N CYS A 34 0.33 4.15 0.88
CA CYS A 34 0.47 2.69 0.90
C CYS A 34 0.89 2.21 2.30
N VAL A 35 -0.01 1.51 2.97
CA VAL A 35 0.26 0.99 4.31
C VAL A 35 0.29 -0.54 4.31
N LEU A 36 1.16 -1.10 5.13
CA LEU A 36 1.29 -2.56 5.23
C LEU A 36 0.30 -3.12 6.25
N TRP A 37 0.45 -4.40 6.56
CA TRP A 37 -0.42 -5.06 7.53
C TRP A 37 -0.34 -4.37 8.89
N TYR A 38 -1.51 -4.04 9.43
CA TYR A 38 -1.58 -3.36 10.73
C TYR A 38 -2.68 -3.98 11.60
N LYS A 39 -2.28 -4.52 12.75
CA LYS A 39 -3.22 -5.13 13.67
C LYS A 39 -3.51 -4.21 14.85
N GLY A 1 19.14 9.26 7.70
CA GLY A 1 17.91 9.20 8.45
C GLY A 1 17.38 7.79 8.60
N GLU A 2 16.07 7.65 8.74
CA GLU A 2 15.45 6.34 8.88
C GLU A 2 13.95 6.42 8.61
N ASP A 3 13.55 7.35 7.75
CA ASP A 3 12.14 7.52 7.41
C ASP A 3 11.95 7.50 5.90
N ILE A 4 11.62 6.34 5.37
CA ILE A 4 11.40 6.18 3.92
C ILE A 4 10.07 5.48 3.64
N GLY A 5 9.12 6.24 3.10
CA GLY A 5 7.82 5.68 2.79
C GLY A 5 7.67 5.36 1.32
N HIS A 6 6.42 5.19 0.88
CA HIS A 6 6.14 4.88 -0.52
C HIS A 6 4.64 4.85 -0.78
N ILE A 7 4.05 6.02 -1.00
CA ILE A 7 2.62 6.13 -1.26
C ILE A 7 2.36 6.52 -2.71
N LYS A 8 1.20 6.12 -3.22
CA LYS A 8 0.81 6.43 -4.59
C LYS A 8 -0.58 7.03 -4.65
N TYR A 9 -1.00 7.65 -3.55
CA TYR A 9 -2.32 8.27 -3.48
C TYR A 9 -3.41 7.27 -3.88
N CYS A 10 -3.63 6.27 -3.03
CA CYS A 10 -4.64 5.26 -3.30
C CYS A 10 -4.28 4.45 -4.55
N GLY A 11 -4.83 3.24 -4.63
CA GLY A 11 -4.56 2.39 -5.77
C GLY A 11 -5.73 2.31 -6.74
N ILE A 12 -6.10 1.10 -7.12
CA ILE A 12 -7.21 0.90 -8.05
C ILE A 12 -8.51 0.65 -7.30
N VAL A 13 -8.40 0.08 -6.10
CA VAL A 13 -9.57 -0.22 -5.28
C VAL A 13 -9.15 -0.80 -3.93
N ASP A 14 -8.09 -1.60 -3.94
CA ASP A 14 -7.60 -2.22 -2.71
C ASP A 14 -6.33 -3.02 -2.99
N ASP A 15 -5.53 -2.55 -3.93
CA ASP A 15 -4.29 -3.23 -4.29
C ASP A 15 -3.36 -2.30 -5.08
N CYS A 16 -3.04 -1.16 -4.48
CA CYS A 16 -2.16 -0.17 -5.13
C CYS A 16 -0.81 -0.79 -5.44
N TYR A 17 -0.41 -1.78 -4.65
CA TYR A 17 0.88 -2.45 -4.85
C TYR A 17 0.98 -3.01 -6.27
N LYS A 18 2.20 -3.12 -6.77
CA LYS A 18 2.44 -3.65 -8.11
C LYS A 18 2.69 -5.15 -8.07
N SER A 19 1.62 -5.93 -8.14
CA SER A 19 1.73 -7.39 -8.11
C SER A 19 0.35 -8.03 -8.24
N LYS A 20 0.25 -9.02 -9.13
CA LYS A 20 -1.01 -9.73 -9.34
C LYS A 20 -1.08 -10.99 -8.49
N LYS A 21 -0.30 -11.03 -7.42
CA LYS A 21 -0.27 -12.18 -6.53
C LYS A 21 0.66 -11.93 -5.35
N PRO A 22 0.27 -11.00 -4.47
CA PRO A 22 1.05 -10.64 -3.28
C PRO A 22 1.07 -11.75 -2.24
N LEU A 23 1.67 -11.48 -1.09
CA LEU A 23 1.74 -12.45 -0.01
C LEU A 23 0.43 -12.52 0.75
N PHE A 24 0.12 -11.45 1.47
CA PHE A 24 -1.10 -11.37 2.25
C PHE A 24 -1.36 -9.95 2.74
N LYS A 25 -1.89 -9.11 1.86
CA LYS A 25 -2.18 -7.73 2.20
C LYS A 25 -0.91 -6.98 2.56
N ILE A 26 -0.29 -6.36 1.55
CA ILE A 26 0.94 -5.60 1.75
C ILE A 26 0.68 -4.10 1.71
N TRP A 27 -0.22 -3.69 0.81
CA TRP A 27 -0.56 -2.28 0.66
C TRP A 27 -2.02 -2.11 0.23
N LYS A 28 -2.77 -1.30 0.97
CA LYS A 28 -4.17 -1.07 0.66
C LYS A 28 -4.47 0.43 0.66
N CYS A 29 -5.51 0.82 -0.08
CA CYS A 29 -5.91 2.21 -0.17
C CYS A 29 -6.61 2.66 1.11
N VAL A 30 -5.91 3.44 1.93
CA VAL A 30 -6.46 3.94 3.18
C VAL A 30 -5.96 5.34 3.48
N GLU A 31 -6.90 6.27 3.70
CA GLU A 31 -6.55 7.65 4.00
C GLU A 31 -5.82 8.29 2.82
N ASN A 32 -6.22 7.91 1.61
CA ASN A 32 -5.60 8.46 0.40
C ASN A 32 -4.13 8.08 0.33
N VAL A 33 -3.76 6.99 1.01
CA VAL A 33 -2.38 6.53 1.02
C VAL A 33 -2.31 5.02 1.20
N CYS A 34 -1.27 4.41 0.63
CA CYS A 34 -1.08 2.97 0.72
C CYS A 34 -0.58 2.57 2.11
N VAL A 35 -1.43 1.86 2.85
CA VAL A 35 -1.09 1.42 4.20
C VAL A 35 -0.88 -0.09 4.24
N LEU A 36 -0.05 -0.54 5.17
CA LEU A 36 0.23 -1.97 5.32
C LEU A 36 -0.88 -2.67 6.08
N TRP A 37 -0.72 -3.97 6.31
CA TRP A 37 -1.71 -4.75 7.03
C TRP A 37 -1.83 -4.29 8.48
N TYR A 38 -2.57 -5.04 9.28
CA TYR A 38 -2.76 -4.70 10.69
C TYR A 38 -2.39 -5.87 11.58
N LYS A 39 -1.23 -5.77 12.22
CA LYS A 39 -0.74 -6.81 13.13
C LYS A 39 -1.79 -7.14 14.19
N GLY A 1 13.09 18.81 3.00
CA GLY A 1 12.27 17.87 3.73
C GLY A 1 12.26 16.49 3.11
N GLU A 2 12.88 15.52 3.80
CA GLU A 2 12.95 14.15 3.31
C GLU A 2 12.16 13.21 4.21
N ASP A 3 10.90 12.97 3.86
CA ASP A 3 10.04 12.08 4.63
C ASP A 3 9.18 11.22 3.70
N ILE A 4 9.83 10.54 2.77
CA ILE A 4 9.13 9.68 1.83
C ILE A 4 9.70 8.27 1.83
N GLY A 5 8.90 7.31 2.26
CA GLY A 5 9.35 5.93 2.31
C GLY A 5 9.17 5.22 0.98
N HIS A 6 8.44 4.10 1.00
CA HIS A 6 8.19 3.32 -0.21
C HIS A 6 6.71 3.30 -0.54
N ILE A 7 5.99 4.33 -0.10
CA ILE A 7 4.56 4.43 -0.36
C ILE A 7 4.29 5.08 -1.71
N LYS A 8 3.04 5.03 -2.15
CA LYS A 8 2.64 5.61 -3.42
C LYS A 8 1.34 6.40 -3.27
N TYR A 9 1.06 6.85 -2.06
CA TYR A 9 -0.14 7.63 -1.80
C TYR A 9 -1.38 6.90 -2.31
N CYS A 10 -1.85 5.92 -1.56
CA CYS A 10 -3.03 5.15 -1.95
C CYS A 10 -2.77 4.37 -3.24
N GLY A 11 -3.54 3.31 -3.43
CA GLY A 11 -3.38 2.49 -4.63
C GLY A 11 -4.38 2.84 -5.71
N ILE A 12 -5.64 2.45 -5.50
CA ILE A 12 -6.69 2.73 -6.47
C ILE A 12 -8.04 2.25 -5.95
N VAL A 13 -8.04 1.14 -5.23
CA VAL A 13 -9.27 0.57 -4.68
C VAL A 13 -8.97 -0.66 -3.83
N ASP A 14 -7.98 -1.44 -4.25
CA ASP A 14 -7.59 -2.65 -3.52
C ASP A 14 -6.42 -3.34 -4.20
N ASP A 15 -5.45 -2.55 -4.65
CA ASP A 15 -4.27 -3.08 -5.33
C ASP A 15 -3.08 -2.15 -5.16
N CYS A 16 -2.90 -1.65 -3.95
CA CYS A 16 -1.79 -0.74 -3.66
C CYS A 16 -0.47 -1.33 -4.13
N TYR A 17 -0.09 -2.47 -3.56
CA TYR A 17 1.15 -3.13 -3.93
C TYR A 17 1.26 -3.31 -5.44
N LYS A 18 2.45 -3.66 -5.90
CA LYS A 18 2.69 -3.86 -7.32
C LYS A 18 2.76 -5.34 -7.66
N SER A 19 1.61 -5.94 -7.95
CA SER A 19 1.53 -7.36 -8.29
C SER A 19 0.10 -7.76 -8.59
N LYS A 20 -0.08 -8.57 -9.64
CA LYS A 20 -1.40 -9.03 -10.04
C LYS A 20 -1.73 -10.35 -9.35
N LYS A 21 -0.87 -10.77 -8.42
CA LYS A 21 -1.08 -12.01 -7.69
C LYS A 21 0.02 -12.22 -6.65
N PRO A 22 0.03 -11.36 -5.62
CA PRO A 22 1.03 -11.44 -4.55
C PRO A 22 0.83 -12.66 -3.66
N LEU A 23 1.73 -12.84 -2.70
CA LEU A 23 1.66 -13.98 -1.78
C LEU A 23 0.46 -13.84 -0.85
N PHE A 24 0.23 -12.63 -0.36
CA PHE A 24 -0.89 -12.37 0.54
C PHE A 24 -1.21 -10.88 0.60
N LYS A 25 -2.46 -10.56 0.85
CA LYS A 25 -2.90 -9.17 0.94
C LYS A 25 -2.23 -8.45 2.10
N ILE A 26 -1.64 -7.29 1.83
CA ILE A 26 -0.97 -6.51 2.86
C ILE A 26 -1.10 -5.02 2.59
N TRP A 27 -0.41 -4.54 1.56
CA TRP A 27 -0.45 -3.14 1.19
C TRP A 27 -1.85 -2.72 0.74
N LYS A 28 -2.47 -1.83 1.50
CA LYS A 28 -3.82 -1.36 1.19
C LYS A 28 -3.91 0.15 1.38
N CYS A 29 -4.89 0.76 0.70
CA CYS A 29 -5.09 2.20 0.80
C CYS A 29 -5.73 2.58 2.13
N VAL A 30 -4.91 3.14 3.03
CA VAL A 30 -5.39 3.55 4.35
C VAL A 30 -4.86 4.92 4.73
N GLU A 31 -5.76 5.81 5.13
CA GLU A 31 -5.37 7.15 5.53
C GLU A 31 -4.74 7.91 4.36
N ASN A 32 -5.26 7.64 3.16
CA ASN A 32 -4.75 8.30 1.95
C ASN A 32 -3.30 7.93 1.71
N VAL A 33 -2.88 6.80 2.24
CA VAL A 33 -1.51 6.33 2.07
C VAL A 33 -1.44 4.81 2.10
N CYS A 34 -0.42 4.25 1.46
CA CYS A 34 -0.23 2.81 1.40
C CYS A 34 0.18 2.27 2.77
N VAL A 35 -0.71 1.49 3.39
CA VAL A 35 -0.45 0.90 4.70
C VAL A 35 -0.54 -0.61 4.65
N LEU A 36 0.36 -1.28 5.39
CA LEU A 36 0.38 -2.74 5.43
C LEU A 36 -0.76 -3.28 6.28
N TRP A 37 -0.71 -4.57 6.56
CA TRP A 37 -1.75 -5.21 7.36
C TRP A 37 -1.74 -4.68 8.79
N TYR A 38 -2.91 -4.60 9.40
CA TYR A 38 -3.05 -4.09 10.76
C TYR A 38 -3.75 -5.11 11.65
N LYS A 39 -3.02 -5.66 12.61
CA LYS A 39 -3.57 -6.65 13.53
C LYS A 39 -3.93 -6.00 14.87
N GLY A 1 13.99 17.91 5.47
CA GLY A 1 15.34 18.20 5.00
C GLY A 1 15.73 17.34 3.81
N GLU A 2 16.61 16.38 4.06
CA GLU A 2 17.07 15.48 3.00
C GLU A 2 16.57 14.06 3.23
N ASP A 3 15.43 13.93 3.91
CA ASP A 3 14.84 12.64 4.21
C ASP A 3 13.33 12.75 4.37
N ILE A 4 12.59 12.10 3.47
CA ILE A 4 11.14 12.12 3.52
C ILE A 4 10.59 10.85 4.16
N GLY A 5 9.27 10.67 4.09
CA GLY A 5 8.65 9.50 4.66
C GLY A 5 8.96 8.24 3.87
N HIS A 6 7.98 7.36 3.75
CA HIS A 6 8.17 6.10 3.03
C HIS A 6 6.83 5.58 2.50
N ILE A 7 5.92 6.49 2.18
CA ILE A 7 4.60 6.12 1.68
C ILE A 7 4.52 6.31 0.17
N LYS A 8 3.44 5.83 -0.43
CA LYS A 8 3.23 5.95 -1.87
C LYS A 8 1.76 6.15 -2.19
N TYR A 9 1.01 6.69 -1.24
CA TYR A 9 -0.41 6.92 -1.42
C TYR A 9 -1.16 5.61 -1.63
N CYS A 10 -2.44 5.72 -2.00
CA CYS A 10 -3.26 4.55 -2.24
C CYS A 10 -2.87 3.85 -3.54
N GLY A 11 -3.57 2.78 -3.87
CA GLY A 11 -3.29 2.04 -5.10
C GLY A 11 -4.28 2.34 -6.20
N ILE A 12 -5.51 1.89 -6.02
CA ILE A 12 -6.56 2.10 -7.00
C ILE A 12 -7.89 1.53 -6.54
N VAL A 13 -7.83 0.41 -5.82
CA VAL A 13 -9.02 -0.24 -5.30
C VAL A 13 -8.67 -1.44 -4.43
N ASP A 14 -7.60 -2.13 -4.80
CA ASP A 14 -7.14 -3.30 -4.06
C ASP A 14 -5.88 -3.89 -4.68
N ASP A 15 -5.02 -3.02 -5.20
CA ASP A 15 -3.78 -3.45 -5.83
C ASP A 15 -2.65 -2.46 -5.55
N CYS A 16 -2.58 -2.01 -4.29
CA CYS A 16 -1.55 -1.05 -3.89
C CYS A 16 -0.16 -1.59 -4.22
N TYR A 17 0.16 -2.76 -3.69
CA TYR A 17 1.45 -3.39 -3.92
C TYR A 17 1.73 -3.52 -5.42
N LYS A 18 2.93 -4.00 -5.75
CA LYS A 18 3.33 -4.19 -7.14
C LYS A 18 3.42 -5.67 -7.48
N SER A 19 2.28 -6.33 -7.57
CA SER A 19 2.23 -7.75 -7.88
C SER A 19 1.05 -8.06 -8.81
N LYS A 20 1.08 -9.23 -9.42
CA LYS A 20 0.02 -9.67 -10.32
C LYS A 20 -0.99 -10.54 -9.58
N LYS A 21 -1.68 -9.96 -8.61
CA LYS A 21 -2.68 -10.68 -7.83
C LYS A 21 -2.05 -11.86 -7.10
N PRO A 22 -1.29 -11.56 -6.04
CA PRO A 22 -0.61 -12.58 -5.22
C PRO A 22 -1.60 -13.41 -4.41
N LEU A 23 -1.07 -14.23 -3.52
CA LEU A 23 -1.90 -15.08 -2.67
C LEU A 23 -2.53 -14.27 -1.54
N PHE A 24 -1.71 -13.93 -0.54
CA PHE A 24 -2.19 -13.16 0.60
C PHE A 24 -2.09 -11.67 0.33
N LYS A 25 -2.70 -10.87 1.20
CA LYS A 25 -2.69 -9.42 1.05
C LYS A 25 -1.61 -8.79 1.93
N ILE A 26 -0.76 -7.98 1.33
CA ILE A 26 0.32 -7.31 2.06
C ILE A 26 0.15 -5.79 2.03
N TRP A 27 -0.57 -5.30 1.02
CA TRP A 27 -0.81 -3.87 0.89
C TRP A 27 -2.21 -3.60 0.36
N LYS A 28 -2.90 -2.65 0.97
CA LYS A 28 -4.26 -2.30 0.56
C LYS A 28 -4.47 -0.79 0.62
N CYS A 29 -5.51 -0.31 -0.05
CA CYS A 29 -5.82 1.11 -0.07
C CYS A 29 -6.68 1.50 1.13
N VAL A 30 -6.11 2.30 2.03
CA VAL A 30 -6.83 2.74 3.22
C VAL A 30 -6.36 4.12 3.67
N GLU A 31 -7.30 5.00 3.96
CA GLU A 31 -6.98 6.35 4.41
C GLU A 31 -6.23 7.11 3.32
N ASN A 32 -6.51 6.78 2.07
CA ASN A 32 -5.87 7.43 0.93
C ASN A 32 -4.36 7.16 0.94
N VAL A 33 -3.97 6.02 1.50
CA VAL A 33 -2.56 5.65 1.57
C VAL A 33 -2.40 4.14 1.55
N CYS A 34 -1.15 3.68 1.42
CA CYS A 34 -0.86 2.26 1.39
C CYS A 34 -0.69 1.71 2.81
N VAL A 35 -1.57 0.78 3.18
CA VAL A 35 -1.52 0.18 4.50
C VAL A 35 -1.26 -1.33 4.41
N LEU A 36 -0.65 -1.88 5.45
CA LEU A 36 -0.34 -3.30 5.48
C LEU A 36 -1.47 -4.09 6.14
N TRP A 37 -1.25 -5.38 6.35
CA TRP A 37 -2.25 -6.24 6.97
C TRP A 37 -2.73 -5.65 8.29
N TYR A 38 -1.86 -4.90 8.95
CA TYR A 38 -2.19 -4.29 10.23
C TYR A 38 -2.41 -5.35 11.31
N LYS A 39 -1.96 -5.04 12.52
CA LYS A 39 -2.10 -5.96 13.65
C LYS A 39 -2.52 -5.21 14.91
N GLY A 1 4.91 7.49 10.25
CA GLY A 1 5.13 6.05 10.22
C GLY A 1 6.58 5.70 10.04
N GLU A 2 6.84 4.46 9.65
CA GLU A 2 8.20 3.99 9.44
C GLU A 2 8.54 3.92 7.95
N ASP A 3 9.53 4.71 7.54
CA ASP A 3 9.95 4.74 6.14
C ASP A 3 8.75 5.01 5.23
N ILE A 4 8.43 6.28 5.03
CA ILE A 4 7.32 6.67 4.17
C ILE A 4 7.77 6.89 2.74
N GLY A 5 8.59 5.96 2.23
CA GLY A 5 9.09 6.08 0.86
C GLY A 5 8.37 5.13 -0.08
N HIS A 6 8.74 5.20 -1.36
CA HIS A 6 8.13 4.34 -2.37
C HIS A 6 6.61 4.39 -2.29
N ILE A 7 6.05 5.59 -2.45
CA ILE A 7 4.60 5.77 -2.38
C ILE A 7 4.02 5.98 -3.78
N LYS A 8 2.75 5.63 -3.93
CA LYS A 8 2.06 5.78 -5.22
C LYS A 8 0.70 6.45 -5.03
N TYR A 9 0.57 7.22 -3.96
CA TYR A 9 -0.68 7.91 -3.67
C TYR A 9 -1.86 6.94 -3.69
N CYS A 10 -1.87 6.01 -2.76
CA CYS A 10 -2.94 5.01 -2.66
C CYS A 10 -3.00 4.17 -3.93
N GLY A 11 -3.98 3.28 -3.99
CA GLY A 11 -4.13 2.42 -5.15
C GLY A 11 -5.53 2.49 -5.74
N ILE A 12 -6.48 1.82 -5.10
CA ILE A 12 -7.86 1.82 -5.58
C ILE A 12 -8.76 1.03 -4.63
N VAL A 13 -8.24 -0.05 -4.09
CA VAL A 13 -9.00 -0.88 -3.16
C VAL A 13 -8.18 -2.08 -2.69
N ASP A 14 -7.39 -1.88 -1.64
CA ASP A 14 -6.55 -2.95 -1.10
C ASP A 14 -5.73 -3.60 -2.19
N ASP A 15 -5.38 -2.81 -3.21
CA ASP A 15 -4.58 -3.33 -4.33
C ASP A 15 -3.45 -2.35 -4.67
N CYS A 16 -3.08 -1.52 -3.70
CA CYS A 16 -2.01 -0.54 -3.91
C CYS A 16 -0.76 -1.21 -4.47
N TYR A 17 -0.36 -2.31 -3.86
CA TYR A 17 0.83 -3.04 -4.29
C TYR A 17 0.75 -3.35 -5.78
N LYS A 18 1.86 -3.84 -6.34
CA LYS A 18 1.92 -4.18 -7.75
C LYS A 18 1.43 -5.61 -8.00
N SER A 19 1.09 -5.89 -9.25
CA SER A 19 0.59 -7.22 -9.61
C SER A 19 -0.73 -7.52 -8.92
N LYS A 20 -1.51 -8.42 -9.50
CA LYS A 20 -2.81 -8.80 -8.94
C LYS A 20 -2.68 -10.02 -8.04
N LYS A 21 -1.47 -10.27 -7.57
CA LYS A 21 -1.20 -11.41 -6.70
C LYS A 21 0.25 -11.43 -6.24
N PRO A 22 0.62 -10.46 -5.40
CA PRO A 22 1.98 -10.34 -4.88
C PRO A 22 2.32 -11.45 -3.89
N LEU A 23 3.47 -11.33 -3.22
CA LEU A 23 3.90 -12.32 -2.25
C LEU A 23 2.83 -12.57 -1.19
N PHE A 24 2.27 -11.48 -0.67
CA PHE A 24 1.23 -11.57 0.35
C PHE A 24 0.52 -10.24 0.53
N LYS A 25 -0.79 -10.30 0.79
CA LYS A 25 -1.59 -9.09 0.98
C LYS A 25 -1.04 -8.26 2.13
N ILE A 26 -0.60 -7.05 1.82
CA ILE A 26 -0.06 -6.14 2.83
C ILE A 26 -0.40 -4.69 2.51
N TRP A 27 0.26 -4.16 1.48
CA TRP A 27 0.03 -2.77 1.07
C TRP A 27 -1.45 -2.50 0.86
N LYS A 28 -1.96 -1.46 1.51
CA LYS A 28 -3.36 -1.09 1.38
C LYS A 28 -3.52 0.42 1.22
N CYS A 29 -4.64 0.83 0.64
CA CYS A 29 -4.91 2.24 0.41
C CYS A 29 -5.46 2.89 1.69
N VAL A 30 -4.64 3.73 2.31
CA VAL A 30 -5.04 4.41 3.54
C VAL A 30 -4.40 5.80 3.62
N GLU A 31 -5.15 6.75 4.18
CA GLU A 31 -4.66 8.11 4.31
C GLU A 31 -4.19 8.66 2.97
N ASN A 32 -4.81 8.20 1.89
CA ASN A 32 -4.46 8.63 0.55
C ASN A 32 -3.02 8.26 0.21
N VAL A 33 -2.53 7.19 0.83
CA VAL A 33 -1.17 6.73 0.60
C VAL A 33 -1.05 5.22 0.79
N CYS A 34 0.08 4.66 0.38
CA CYS A 34 0.31 3.23 0.51
C CYS A 34 0.81 2.87 1.90
N VAL A 35 -0.01 2.13 2.65
CA VAL A 35 0.35 1.72 4.00
C VAL A 35 0.47 0.20 4.10
N LEU A 36 1.46 -0.26 4.87
CA LEU A 36 1.69 -1.69 5.04
C LEU A 36 0.88 -2.22 6.24
N TRP A 37 1.17 -3.46 6.63
CA TRP A 37 0.48 -4.08 7.75
C TRP A 37 0.62 -3.22 9.01
N TYR A 38 -0.51 -2.97 9.66
CA TYR A 38 -0.52 -2.17 10.88
C TYR A 38 -0.05 -0.75 10.60
N LYS A 39 -1.00 0.14 10.33
CA LYS A 39 -0.70 1.53 10.04
C LYS A 39 0.14 2.15 11.15
N GLY A 1 17.49 8.11 10.61
CA GLY A 1 16.15 8.53 10.28
C GLY A 1 15.34 7.45 9.60
N GLU A 2 14.17 7.81 9.10
CA GLU A 2 13.30 6.85 8.43
C GLU A 2 13.15 7.19 6.95
N ASP A 3 13.31 6.18 6.10
CA ASP A 3 13.20 6.36 4.66
C ASP A 3 11.74 6.31 4.21
N ILE A 4 11.08 7.47 4.23
CA ILE A 4 9.68 7.55 3.84
C ILE A 4 9.48 8.65 2.79
N GLY A 5 8.90 8.27 1.66
CA GLY A 5 8.66 9.24 0.60
C GLY A 5 8.34 8.58 -0.73
N HIS A 6 7.58 7.49 -0.67
CA HIS A 6 7.21 6.75 -1.88
C HIS A 6 5.71 6.46 -1.90
N ILE A 7 4.91 7.49 -1.74
CA ILE A 7 3.46 7.35 -1.73
C ILE A 7 2.87 7.68 -3.10
N LYS A 8 1.57 7.43 -3.25
CA LYS A 8 0.88 7.72 -4.51
C LYS A 8 -0.57 8.10 -4.26
N TYR A 9 -0.84 8.63 -3.06
CA TYR A 9 -2.19 9.04 -2.69
C TYR A 9 -3.18 7.90 -2.94
N CYS A 10 -3.01 6.80 -2.23
CA CYS A 10 -3.89 5.65 -2.36
C CYS A 10 -3.80 5.07 -3.77
N GLY A 11 -4.61 4.03 -4.02
CA GLY A 11 -4.61 3.40 -5.33
C GLY A 11 -5.89 3.66 -6.10
N ILE A 12 -6.52 2.60 -6.57
CA ILE A 12 -7.76 2.71 -7.33
C ILE A 12 -8.91 1.99 -6.62
N VAL A 13 -8.62 0.80 -6.10
CA VAL A 13 -9.62 0.01 -5.41
C VAL A 13 -8.97 -0.92 -4.39
N ASP A 14 -8.16 -0.34 -3.51
CA ASP A 14 -7.47 -1.12 -2.47
C ASP A 14 -6.51 -2.11 -3.09
N ASP A 15 -5.73 -1.65 -4.07
CA ASP A 15 -4.76 -2.51 -4.73
C ASP A 15 -3.77 -1.68 -5.55
N CYS A 16 -3.32 -0.57 -4.96
CA CYS A 16 -2.37 0.31 -5.64
C CYS A 16 -1.13 -0.45 -6.07
N TYR A 17 -0.84 -1.56 -5.39
CA TYR A 17 0.31 -2.39 -5.72
C TYR A 17 -0.04 -3.45 -6.76
N LYS A 18 0.85 -3.61 -7.74
CA LYS A 18 0.63 -4.60 -8.79
C LYS A 18 0.32 -5.97 -8.22
N SER A 19 -0.25 -6.84 -9.04
CA SER A 19 -0.60 -8.19 -8.61
C SER A 19 0.62 -9.10 -8.60
N LYS A 20 1.53 -8.86 -7.66
CA LYS A 20 2.75 -9.66 -7.54
C LYS A 20 2.50 -10.88 -6.67
N LYS A 21 1.25 -11.12 -6.31
CA LYS A 21 0.89 -12.25 -5.48
C LYS A 21 1.75 -12.31 -4.23
N PRO A 22 1.54 -11.34 -3.32
CA PRO A 22 2.29 -11.26 -2.06
C PRO A 22 1.91 -12.37 -1.09
N LEU A 23 2.39 -12.27 0.14
CA LEU A 23 2.11 -13.26 1.17
C LEU A 23 0.61 -13.52 1.28
N PHE A 24 -0.16 -12.45 1.46
CA PHE A 24 -1.61 -12.56 1.59
C PHE A 24 -2.27 -11.21 1.36
N LYS A 25 -2.17 -10.34 2.36
CA LYS A 25 -2.76 -9.00 2.28
C LYS A 25 -1.73 -7.93 2.61
N ILE A 26 -1.28 -7.21 1.59
CA ILE A 26 -0.30 -6.16 1.77
C ILE A 26 -0.56 -4.99 0.82
N TRP A 27 -0.17 -3.79 1.24
CA TRP A 27 -0.36 -2.60 0.42
C TRP A 27 -1.83 -2.39 0.09
N LYS A 28 -2.49 -1.56 0.87
CA LYS A 28 -3.91 -1.26 0.65
C LYS A 28 -4.19 0.22 0.84
N CYS A 29 -5.26 0.70 0.20
CA CYS A 29 -5.64 2.11 0.29
C CYS A 29 -6.26 2.40 1.65
N VAL A 30 -5.56 3.21 2.45
CA VAL A 30 -6.04 3.58 3.78
C VAL A 30 -5.59 4.99 4.15
N GLU A 31 -6.55 5.82 4.55
CA GLU A 31 -6.25 7.19 4.93
C GLU A 31 -5.72 7.99 3.75
N ASN A 32 -6.23 7.69 2.56
CA ASN A 32 -5.81 8.38 1.35
C ASN A 32 -4.35 8.06 1.03
N VAL A 33 -3.86 6.95 1.56
CA VAL A 33 -2.48 6.53 1.33
C VAL A 33 -2.35 5.01 1.39
N CYS A 34 -1.40 4.48 0.62
CA CYS A 34 -1.17 3.04 0.57
C CYS A 34 -0.27 2.61 1.72
N VAL A 35 -0.79 1.72 2.58
CA VAL A 35 -0.03 1.23 3.72
C VAL A 35 0.21 -0.28 3.61
N LEU A 36 1.32 -0.74 4.14
CA LEU A 36 1.66 -2.16 4.11
C LEU A 36 0.87 -2.94 5.15
N TRP A 37 1.23 -4.20 5.35
CA TRP A 37 0.55 -5.04 6.32
C TRP A 37 1.20 -4.94 7.69
N TYR A 38 0.41 -5.18 8.74
CA TYR A 38 0.91 -5.12 10.10
C TYR A 38 1.41 -3.71 10.43
N LYS A 39 0.53 -2.87 10.95
CA LYS A 39 0.87 -1.51 11.31
C LYS A 39 1.00 -1.35 12.82
N GLY A 1 16.11 5.95 2.72
CA GLY A 1 17.19 6.81 3.17
C GLY A 1 16.92 7.43 4.52
N GLU A 2 16.66 6.59 5.51
CA GLU A 2 16.37 7.06 6.87
C GLU A 2 15.22 8.05 6.86
N ASP A 3 14.24 7.80 6.01
CA ASP A 3 13.08 8.68 5.90
C ASP A 3 11.79 7.87 5.77
N ILE A 4 10.67 8.49 6.10
CA ILE A 4 9.37 7.83 6.01
C ILE A 4 8.40 8.62 5.17
N GLY A 5 7.84 7.98 4.15
CA GLY A 5 6.89 8.65 3.27
C GLY A 5 6.95 8.13 1.85
N HIS A 6 6.63 6.85 1.68
CA HIS A 6 6.64 6.22 0.35
C HIS A 6 5.22 6.01 -0.16
N ILE A 7 4.34 6.97 0.11
CA ILE A 7 2.95 6.88 -0.33
C ILE A 7 2.80 7.35 -1.77
N LYS A 8 1.69 6.97 -2.39
CA LYS A 8 1.42 7.35 -3.77
C LYS A 8 -0.02 7.84 -3.93
N TYR A 9 -0.59 8.33 -2.84
CA TYR A 9 -1.96 8.83 -2.86
C TYR A 9 -2.91 7.79 -3.45
N CYS A 10 -3.13 6.70 -2.72
CA CYS A 10 -4.01 5.64 -3.17
C CYS A 10 -3.45 4.95 -4.40
N GLY A 11 -3.72 3.66 -4.54
CA GLY A 11 -3.24 2.90 -5.68
C GLY A 11 -4.12 3.06 -6.90
N ILE A 12 -5.28 2.40 -6.87
CA ILE A 12 -6.21 2.47 -7.99
C ILE A 12 -7.55 1.81 -7.62
N VAL A 13 -7.47 0.64 -7.00
CA VAL A 13 -8.67 -0.09 -6.59
C VAL A 13 -8.38 -0.99 -5.40
N ASP A 14 -7.87 -0.39 -4.32
CA ASP A 14 -7.56 -1.14 -3.11
C ASP A 14 -6.46 -2.17 -3.37
N ASP A 15 -5.68 -1.93 -4.42
CA ASP A 15 -4.59 -2.84 -4.79
C ASP A 15 -3.43 -2.07 -5.42
N CYS A 16 -2.77 -1.25 -4.61
CA CYS A 16 -1.65 -0.46 -5.09
C CYS A 16 -0.63 -1.34 -5.82
N TYR A 17 -0.27 -2.45 -5.19
CA TYR A 17 0.70 -3.38 -5.78
C TYR A 17 0.29 -3.75 -7.21
N LYS A 18 1.28 -3.90 -8.08
CA LYS A 18 1.03 -4.25 -9.47
C LYS A 18 0.80 -5.76 -9.61
N SER A 19 -0.19 -6.28 -8.89
CA SER A 19 -0.51 -7.69 -8.93
C SER A 19 0.74 -8.54 -8.72
N LYS A 20 1.29 -8.49 -7.51
CA LYS A 20 2.48 -9.24 -7.18
C LYS A 20 2.12 -10.60 -6.59
N LYS A 21 0.87 -11.01 -6.81
CA LYS A 21 0.39 -12.30 -6.31
C LYS A 21 0.70 -12.45 -4.83
N PRO A 22 0.06 -11.60 -4.00
CA PRO A 22 0.24 -11.63 -2.55
C PRO A 22 -0.37 -12.87 -1.90
N LEU A 23 -0.04 -13.10 -0.64
CA LEU A 23 -0.56 -14.25 0.09
C LEU A 23 -1.70 -13.83 1.02
N PHE A 24 -1.56 -12.66 1.62
CA PHE A 24 -2.58 -12.15 2.54
C PHE A 24 -2.70 -10.63 2.41
N LYS A 25 -2.56 -10.13 1.20
CA LYS A 25 -2.66 -8.70 0.94
C LYS A 25 -1.54 -7.94 1.65
N ILE A 26 -1.22 -6.75 1.15
CA ILE A 26 -0.17 -5.93 1.74
C ILE A 26 -0.47 -4.44 1.57
N TRP A 27 -0.33 -3.95 0.34
CA TRP A 27 -0.59 -2.55 0.04
C TRP A 27 -2.06 -2.33 -0.31
N LYS A 28 -2.75 -1.54 0.50
CA LYS A 28 -4.16 -1.26 0.27
C LYS A 28 -4.45 0.24 0.42
N CYS A 29 -5.36 0.74 -0.40
CA CYS A 29 -5.73 2.15 -0.36
C CYS A 29 -6.78 2.42 0.72
N VAL A 30 -6.40 3.21 1.73
CA VAL A 30 -7.31 3.54 2.82
C VAL A 30 -6.99 4.91 3.39
N GLU A 31 -8.04 5.70 3.63
CA GLU A 31 -7.87 7.04 4.18
C GLU A 31 -7.10 7.93 3.21
N ASN A 32 -7.30 7.71 1.92
CA ASN A 32 -6.62 8.49 0.89
C ASN A 32 -5.11 8.24 0.93
N VAL A 33 -4.72 7.10 1.47
CA VAL A 33 -3.31 6.73 1.55
C VAL A 33 -3.13 5.22 1.51
N CYS A 34 -2.04 4.78 0.89
CA CYS A 34 -1.74 3.36 0.77
C CYS A 34 -0.90 2.88 1.95
N VAL A 35 -1.38 1.85 2.64
CA VAL A 35 -0.68 1.29 3.78
C VAL A 35 -0.37 -0.19 3.58
N LEU A 36 0.69 -0.67 4.21
CA LEU A 36 1.08 -2.08 4.10
C LEU A 36 0.23 -2.94 5.02
N TRP A 37 0.61 -4.22 5.12
CA TRP A 37 -0.11 -5.16 5.97
C TRP A 37 0.12 -4.84 7.44
N TYR A 38 1.33 -5.11 7.92
CA TYR A 38 1.67 -4.85 9.32
C TYR A 38 2.37 -3.50 9.47
N LYS A 39 1.59 -2.47 9.74
CA LYS A 39 2.12 -1.12 9.92
C LYS A 39 2.97 -0.72 8.71
N GLY A 1 11.80 18.18 -5.55
CA GLY A 1 11.06 17.34 -4.64
C GLY A 1 11.05 15.88 -5.07
N GLU A 2 12.23 15.28 -5.16
CA GLU A 2 12.35 13.89 -5.57
C GLU A 2 12.50 12.98 -4.35
N ASP A 3 11.53 13.03 -3.46
CA ASP A 3 11.56 12.21 -2.25
C ASP A 3 10.46 11.14 -2.30
N ILE A 4 10.76 9.97 -1.76
CA ILE A 4 9.81 8.87 -1.74
C ILE A 4 9.84 8.14 -0.40
N GLY A 5 8.95 8.52 0.50
CA GLY A 5 8.90 7.88 1.82
C GLY A 5 8.38 6.46 1.74
N HIS A 6 7.47 6.12 2.64
CA HIS A 6 6.89 4.78 2.67
C HIS A 6 5.40 4.82 2.37
N ILE A 7 4.97 5.84 1.63
CA ILE A 7 3.57 5.99 1.26
C ILE A 7 3.43 6.46 -0.18
N LYS A 8 2.27 6.19 -0.78
CA LYS A 8 2.01 6.58 -2.15
C LYS A 8 0.66 7.28 -2.27
N TYR A 9 0.17 7.80 -1.15
CA TYR A 9 -1.11 8.49 -1.13
C TYR A 9 -2.24 7.59 -1.61
N CYS A 10 -2.50 6.53 -0.86
CA CYS A 10 -3.55 5.58 -1.22
C CYS A 10 -3.21 4.85 -2.52
N GLY A 11 -3.72 3.63 -2.65
CA GLY A 11 -3.44 2.84 -3.84
C GLY A 11 -4.46 3.12 -4.95
N ILE A 12 -5.62 2.51 -4.84
CA ILE A 12 -6.67 2.69 -5.84
C ILE A 12 -7.98 2.04 -5.38
N VAL A 13 -7.88 0.82 -4.85
CA VAL A 13 -9.05 0.09 -4.37
C VAL A 13 -8.66 -0.96 -3.34
N ASP A 14 -7.54 -1.62 -3.58
CA ASP A 14 -7.05 -2.65 -2.67
C ASP A 14 -5.76 -3.27 -3.18
N ASP A 15 -4.94 -2.45 -3.83
CA ASP A 15 -3.67 -2.92 -4.37
C ASP A 15 -2.61 -1.82 -4.30
N CYS A 16 -2.46 -1.22 -3.12
CA CYS A 16 -1.48 -0.16 -2.91
C CYS A 16 -0.11 -0.58 -3.43
N TYR A 17 0.49 -1.56 -2.77
CA TYR A 17 1.81 -2.04 -3.17
C TYR A 17 1.78 -2.62 -4.58
N LYS A 18 2.88 -3.23 -4.99
CA LYS A 18 2.98 -3.82 -6.32
C LYS A 18 3.92 -5.03 -6.31
N SER A 19 3.35 -6.20 -6.59
CA SER A 19 4.14 -7.43 -6.61
C SER A 19 3.44 -8.51 -7.44
N LYS A 20 2.96 -8.11 -8.61
CA LYS A 20 2.28 -9.04 -9.51
C LYS A 20 1.01 -9.58 -8.86
N LYS A 21 0.51 -8.86 -7.85
CA LYS A 21 -0.70 -9.27 -7.15
C LYS A 21 -0.53 -10.66 -6.54
N PRO A 22 0.23 -10.74 -5.44
CA PRO A 22 0.49 -12.00 -4.74
C PRO A 22 -0.75 -12.53 -4.03
N LEU A 23 -0.57 -13.56 -3.22
CA LEU A 23 -1.68 -14.16 -2.47
C LEU A 23 -1.87 -13.46 -1.13
N PHE A 24 -0.80 -13.38 -0.35
CA PHE A 24 -0.85 -12.73 0.96
C PHE A 24 -1.45 -11.34 0.85
N LYS A 25 -2.07 -10.88 1.93
CA LYS A 25 -2.69 -9.57 1.96
C LYS A 25 -1.89 -8.61 2.83
N ILE A 26 -1.30 -7.60 2.21
CA ILE A 26 -0.51 -6.61 2.93
C ILE A 26 -0.50 -5.27 2.19
N TRP A 27 -0.29 -4.19 2.94
CA TRP A 27 -0.26 -2.85 2.35
C TRP A 27 -1.59 -2.50 1.69
N LYS A 28 -2.37 -1.67 2.37
CA LYS A 28 -3.67 -1.26 1.84
C LYS A 28 -3.86 0.24 2.01
N CYS A 29 -4.89 0.78 1.35
CA CYS A 29 -5.19 2.21 1.42
C CYS A 29 -5.85 2.56 2.75
N VAL A 30 -5.07 3.18 3.64
CA VAL A 30 -5.58 3.58 4.95
C VAL A 30 -4.95 4.89 5.40
N GLU A 31 -5.81 5.83 5.80
CA GLU A 31 -5.34 7.14 6.26
C GLU A 31 -4.63 7.89 5.13
N ASN A 32 -5.06 7.65 3.90
CA ASN A 32 -4.47 8.30 2.73
C ASN A 32 -3.01 7.89 2.58
N VAL A 33 -2.67 6.71 3.07
CA VAL A 33 -1.30 6.20 2.99
C VAL A 33 -1.29 4.68 2.94
N CYS A 34 -0.12 4.11 2.66
CA CYS A 34 0.03 2.66 2.57
C CYS A 34 0.28 2.06 3.95
N VAL A 35 -0.69 1.29 4.44
CA VAL A 35 -0.57 0.67 5.76
C VAL A 35 -0.57 -0.86 5.63
N LEU A 36 0.34 -1.49 6.36
CA LEU A 36 0.45 -2.95 6.34
C LEU A 36 -0.86 -3.61 6.77
N TRP A 37 -0.85 -4.93 6.84
CA TRP A 37 -2.04 -5.67 7.25
C TRP A 37 -2.31 -5.49 8.73
N TYR A 38 -3.59 -5.47 9.10
CA TYR A 38 -3.99 -5.31 10.50
C TYR A 38 -5.28 -6.07 10.79
N LYS A 39 -5.15 -7.17 11.51
CA LYS A 39 -6.30 -7.99 11.87
C LYS A 39 -7.29 -7.20 12.72
N GLY A 1 17.55 7.75 11.50
CA GLY A 1 18.25 6.62 10.89
C GLY A 1 17.67 6.26 9.54
N GLU A 2 16.59 5.48 9.54
CA GLU A 2 15.94 5.06 8.31
C GLU A 2 14.85 6.04 7.91
N ASP A 3 14.37 5.92 6.67
CA ASP A 3 13.33 6.80 6.15
C ASP A 3 12.16 5.99 5.62
N ILE A 4 10.97 6.59 5.67
CA ILE A 4 9.76 5.92 5.19
C ILE A 4 9.15 6.68 4.02
N GLY A 5 9.36 6.18 2.81
CA GLY A 5 8.82 6.83 1.63
C GLY A 5 8.61 5.85 0.48
N HIS A 6 8.11 4.66 0.80
CA HIS A 6 7.86 3.64 -0.21
C HIS A 6 6.37 3.51 -0.49
N ILE A 7 5.73 4.63 -0.86
CA ILE A 7 4.31 4.63 -1.16
C ILE A 7 4.07 4.78 -2.66
N LYS A 8 2.80 4.85 -3.04
CA LYS A 8 2.42 4.99 -4.44
C LYS A 8 0.95 5.38 -4.57
N TYR A 9 0.50 6.28 -3.70
CA TYR A 9 -0.89 6.73 -3.73
C TYR A 9 -1.85 5.55 -3.58
N CYS A 10 -3.15 5.86 -3.58
CA CYS A 10 -4.16 4.82 -3.44
C CYS A 10 -4.27 3.98 -4.72
N GLY A 11 -4.73 2.75 -4.58
CA GLY A 11 -4.87 1.87 -5.73
C GLY A 11 -6.23 1.97 -6.37
N ILE A 12 -7.27 1.56 -5.64
CA ILE A 12 -8.62 1.60 -6.16
C ILE A 12 -9.63 1.15 -5.10
N VAL A 13 -9.22 0.18 -4.29
CA VAL A 13 -10.09 -0.34 -3.23
C VAL A 13 -9.35 -1.39 -2.40
N ASP A 14 -8.51 -2.17 -3.04
CA ASP A 14 -7.75 -3.21 -2.36
C ASP A 14 -6.68 -3.79 -3.28
N ASP A 15 -6.17 -2.97 -4.19
CA ASP A 15 -5.14 -3.40 -5.13
C ASP A 15 -4.03 -2.34 -5.24
N CYS A 16 -3.72 -1.71 -4.11
CA CYS A 16 -2.68 -0.68 -4.08
C CYS A 16 -1.33 -1.26 -4.52
N TYR A 17 -0.96 -2.39 -3.94
CA TYR A 17 0.30 -3.03 -4.26
C TYR A 17 0.44 -3.23 -5.77
N LYS A 18 1.66 -3.53 -6.20
CA LYS A 18 1.93 -3.73 -7.62
C LYS A 18 1.44 -5.09 -8.08
N SER A 19 0.86 -5.14 -9.27
CA SER A 19 0.34 -6.38 -9.83
C SER A 19 -0.79 -6.93 -8.96
N LYS A 20 -1.53 -7.90 -9.49
CA LYS A 20 -2.63 -8.51 -8.77
C LYS A 20 -2.19 -9.79 -8.07
N LYS A 21 -0.89 -9.88 -7.78
CA LYS A 21 -0.33 -11.05 -7.11
C LYS A 21 0.98 -10.69 -6.39
N PRO A 22 0.87 -9.87 -5.35
CA PRO A 22 2.03 -9.43 -4.56
C PRO A 22 2.62 -10.57 -3.74
N LEU A 23 3.56 -10.23 -2.85
CA LEU A 23 4.20 -11.22 -2.00
C LEU A 23 3.17 -11.98 -1.18
N PHE A 24 2.38 -11.25 -0.40
CA PHE A 24 1.35 -11.85 0.44
C PHE A 24 0.21 -10.88 0.68
N LYS A 25 0.03 -9.94 -0.24
CA LYS A 25 -1.03 -8.94 -0.12
C LYS A 25 -0.94 -8.19 1.21
N ILE A 26 -0.21 -7.08 1.20
CA ILE A 26 -0.05 -6.26 2.39
C ILE A 26 -0.15 -4.78 2.08
N TRP A 27 -1.10 -4.42 1.23
CA TRP A 27 -1.30 -3.03 0.84
C TRP A 27 -2.75 -2.77 0.47
N LYS A 28 -3.35 -1.76 1.09
CA LYS A 28 -4.75 -1.41 0.83
C LYS A 28 -4.90 0.10 0.71
N CYS A 29 -5.95 0.53 0.01
CA CYS A 29 -6.22 1.95 -0.19
C CYS A 29 -6.86 2.55 1.06
N VAL A 30 -6.10 3.40 1.75
CA VAL A 30 -6.60 4.05 2.96
C VAL A 30 -5.98 5.44 3.12
N GLU A 31 -6.82 6.41 3.44
CA GLU A 31 -6.36 7.79 3.64
C GLU A 31 -5.76 8.34 2.35
N ASN A 32 -6.27 7.86 1.21
CA ASN A 32 -5.78 8.31 -0.09
C ASN A 32 -4.31 7.93 -0.28
N VAL A 33 -3.88 6.89 0.42
CA VAL A 33 -2.50 6.44 0.33
C VAL A 33 -2.40 4.94 0.60
N CYS A 34 -1.22 4.37 0.34
CA CYS A 34 -0.99 2.95 0.55
C CYS A 34 -0.77 2.64 2.02
N VAL A 35 -1.72 1.93 2.63
CA VAL A 35 -1.63 1.56 4.03
C VAL A 35 -1.74 0.06 4.22
N LEU A 36 -0.86 -0.51 5.04
CA LEU A 36 -0.87 -1.94 5.30
C LEU A 36 -2.09 -2.34 6.12
N TRP A 37 -2.10 -3.58 6.59
CA TRP A 37 -3.22 -4.08 7.39
C TRP A 37 -3.48 -3.17 8.58
N TYR A 38 -2.45 -2.46 9.04
CA TYR A 38 -2.58 -1.57 10.17
C TYR A 38 -1.91 -0.22 9.88
N LYS A 39 -1.77 0.60 10.91
CA LYS A 39 -1.14 1.91 10.76
C LYS A 39 0.21 1.79 10.06
N GLY A 1 14.12 13.54 6.17
CA GLY A 1 14.98 12.39 5.90
C GLY A 1 14.88 11.92 4.46
N GLU A 2 15.38 10.72 4.20
CA GLU A 2 15.36 10.16 2.85
C GLU A 2 14.77 8.75 2.86
N ASP A 3 13.83 8.50 1.96
CA ASP A 3 13.18 7.20 1.87
C ASP A 3 12.43 6.86 3.16
N ILE A 4 11.63 7.81 3.64
CA ILE A 4 10.86 7.61 4.86
C ILE A 4 9.37 7.62 4.57
N GLY A 5 8.74 6.47 4.69
CA GLY A 5 7.30 6.36 4.45
C GLY A 5 7.00 5.65 3.15
N HIS A 6 7.46 6.20 2.04
CA HIS A 6 7.23 5.61 0.73
C HIS A 6 5.74 5.45 0.47
N ILE A 7 5.08 6.55 0.12
CA ILE A 7 3.64 6.54 -0.17
C ILE A 7 3.36 6.94 -1.60
N LYS A 8 2.19 6.56 -2.10
CA LYS A 8 1.79 6.89 -3.47
C LYS A 8 0.34 7.34 -3.51
N TYR A 9 -0.17 7.79 -2.37
CA TYR A 9 -1.56 8.26 -2.29
C TYR A 9 -2.52 7.22 -2.84
N CYS A 10 -2.75 6.16 -2.08
CA CYS A 10 -3.65 5.09 -2.50
C CYS A 10 -3.22 4.52 -3.85
N GLY A 11 -3.99 3.56 -4.35
CA GLY A 11 -3.67 2.94 -5.63
C GLY A 11 -4.77 3.10 -6.64
N ILE A 12 -4.68 2.36 -7.74
CA ILE A 12 -5.68 2.43 -8.80
C ILE A 12 -7.10 2.26 -8.24
N VAL A 13 -7.24 1.31 -7.31
CA VAL A 13 -8.53 1.04 -6.69
C VAL A 13 -8.36 0.50 -5.28
N ASP A 14 -7.36 -0.36 -5.10
CA ASP A 14 -7.09 -0.95 -3.79
C ASP A 14 -5.90 -1.90 -3.87
N ASP A 15 -4.93 -1.55 -4.71
CA ASP A 15 -3.72 -2.37 -4.87
C ASP A 15 -2.58 -1.53 -5.42
N CYS A 16 -2.26 -0.44 -4.74
CA CYS A 16 -1.19 0.45 -5.16
C CYS A 16 0.12 -0.33 -5.34
N TYR A 17 0.24 -1.44 -4.61
CA TYR A 17 1.43 -2.27 -4.68
C TYR A 17 1.39 -3.18 -5.90
N LYS A 18 2.55 -3.42 -6.49
CA LYS A 18 2.65 -4.28 -7.66
C LYS A 18 2.26 -5.72 -7.32
N SER A 19 1.93 -6.50 -8.34
CA SER A 19 1.54 -7.89 -8.15
C SER A 19 0.22 -7.98 -7.39
N LYS A 20 -0.76 -8.64 -7.99
CA LYS A 20 -2.07 -8.80 -7.38
C LYS A 20 -2.14 -10.09 -6.57
N LYS A 21 -0.97 -10.65 -6.26
CA LYS A 21 -0.89 -11.88 -5.49
C LYS A 21 0.37 -11.90 -4.62
N PRO A 22 0.40 -11.01 -3.61
CA PRO A 22 1.54 -10.90 -2.68
C PRO A 22 1.64 -12.12 -1.76
N LEU A 23 2.52 -12.01 -0.76
CA LEU A 23 2.71 -13.09 0.19
C LEU A 23 1.40 -13.44 0.90
N PHE A 24 0.79 -12.45 1.52
CA PHE A 24 -0.47 -12.65 2.24
C PHE A 24 -1.20 -11.33 2.43
N LYS A 25 -1.55 -10.68 1.32
CA LYS A 25 -2.25 -9.40 1.36
C LYS A 25 -1.40 -8.34 2.04
N ILE A 26 -0.85 -7.44 1.23
CA ILE A 26 -0.01 -6.35 1.74
C ILE A 26 -0.23 -5.07 0.96
N TRP A 27 -0.27 -3.94 1.67
CA TRP A 27 -0.47 -2.64 1.04
C TRP A 27 -1.84 -2.56 0.40
N LYS A 28 -2.65 -1.61 0.88
CA LYS A 28 -4.00 -1.42 0.35
C LYS A 28 -4.41 0.04 0.42
N CYS A 29 -5.36 0.42 -0.42
CA CYS A 29 -5.84 1.81 -0.46
C CYS A 29 -6.71 2.11 0.76
N VAL A 30 -6.15 2.87 1.69
CA VAL A 30 -6.87 3.24 2.91
C VAL A 30 -6.42 4.60 3.42
N GLU A 31 -7.38 5.48 3.66
CA GLU A 31 -7.08 6.82 4.15
C GLU A 31 -6.25 7.60 3.13
N ASN A 32 -6.49 7.35 1.85
CA ASN A 32 -5.76 8.03 0.78
C ASN A 32 -4.28 7.68 0.83
N VAL A 33 -3.96 6.53 1.44
CA VAL A 33 -2.58 6.09 1.55
C VAL A 33 -2.49 4.57 1.58
N CYS A 34 -1.31 4.05 1.25
CA CYS A 34 -1.09 2.60 1.24
C CYS A 34 -0.79 2.09 2.65
N VAL A 35 -1.64 1.21 3.15
CA VAL A 35 -1.45 0.63 4.47
C VAL A 35 -1.34 -0.88 4.42
N LEU A 36 -0.63 -1.46 5.38
CA LEU A 36 -0.45 -2.90 5.44
C LEU A 36 -1.69 -3.60 5.96
N TRP A 37 -1.65 -4.91 6.03
CA TRP A 37 -2.78 -5.70 6.52
C TRP A 37 -3.26 -5.18 7.87
N TYR A 38 -2.34 -4.63 8.65
CA TYR A 38 -2.67 -4.10 9.96
C TYR A 38 -3.09 -5.21 10.91
N LYS A 39 -2.68 -5.10 12.17
CA LYS A 39 -3.03 -6.09 13.18
C LYS A 39 -4.54 -6.18 13.37
N GLY A 1 11.34 17.92 8.00
CA GLY A 1 10.54 18.34 6.87
C GLY A 1 10.64 17.39 5.69
N GLU A 2 10.91 16.12 5.99
CA GLU A 2 11.04 15.10 4.94
C GLU A 2 10.05 13.96 5.17
N ASP A 3 9.26 13.66 4.16
CA ASP A 3 8.28 12.59 4.24
C ASP A 3 8.22 11.78 2.94
N ILE A 4 9.33 11.14 2.61
CA ILE A 4 9.41 10.33 1.40
C ILE A 4 9.86 8.91 1.70
N GLY A 5 9.05 7.94 1.31
CA GLY A 5 9.39 6.55 1.55
C GLY A 5 9.16 5.67 0.33
N HIS A 6 8.28 4.69 0.48
CA HIS A 6 7.96 3.77 -0.62
C HIS A 6 6.45 3.70 -0.84
N ILE A 7 5.76 4.81 -0.57
CA ILE A 7 4.32 4.88 -0.75
C ILE A 7 3.95 5.47 -2.10
N LYS A 8 2.76 5.14 -2.58
CA LYS A 8 2.30 5.64 -3.87
C LYS A 8 1.01 6.46 -3.70
N TYR A 9 0.81 7.01 -2.50
CA TYR A 9 -0.37 7.81 -2.21
C TYR A 9 -1.64 7.05 -2.59
N CYS A 10 -1.99 6.05 -1.77
CA CYS A 10 -3.18 5.24 -2.01
C CYS A 10 -3.05 4.45 -3.30
N GLY A 11 -2.93 3.13 -3.18
CA GLY A 11 -2.80 2.28 -4.34
C GLY A 11 -3.88 2.53 -5.37
N ILE A 12 -5.12 2.18 -5.03
CA ILE A 12 -6.24 2.36 -5.93
C ILE A 12 -7.55 1.95 -5.26
N VAL A 13 -7.49 0.91 -4.44
CA VAL A 13 -8.67 0.42 -3.74
C VAL A 13 -8.31 -0.73 -2.80
N ASP A 14 -7.38 -1.57 -3.24
CA ASP A 14 -6.94 -2.71 -2.43
C ASP A 14 -5.86 -3.50 -3.16
N ASP A 15 -5.01 -2.79 -3.89
CA ASP A 15 -3.94 -3.44 -4.64
C ASP A 15 -2.73 -2.51 -4.74
N CYS A 16 -2.30 -1.98 -3.60
CA CYS A 16 -1.16 -1.07 -3.56
C CYS A 16 0.05 -1.68 -4.28
N TYR A 17 0.43 -2.88 -3.87
CA TYR A 17 1.56 -3.57 -4.46
C TYR A 17 1.38 -3.72 -5.97
N LYS A 18 0.12 -3.70 -6.40
CA LYS A 18 -0.19 -3.83 -7.83
C LYS A 18 0.39 -5.12 -8.40
N SER A 19 -0.38 -6.20 -8.31
CA SER A 19 0.07 -7.50 -8.82
C SER A 19 -1.13 -8.40 -9.13
N LYS A 20 -1.01 -9.18 -10.20
CA LYS A 20 -2.07 -10.09 -10.61
C LYS A 20 -1.98 -11.42 -9.86
N LYS A 21 -1.03 -11.50 -8.92
CA LYS A 21 -0.83 -12.70 -8.13
C LYS A 21 0.09 -12.44 -6.95
N PRO A 22 -0.38 -11.61 -6.00
CA PRO A 22 0.39 -11.26 -4.81
C PRO A 22 0.54 -12.43 -3.85
N LEU A 23 1.06 -12.16 -2.66
CA LEU A 23 1.25 -13.19 -1.65
C LEU A 23 0.06 -13.26 -0.69
N PHE A 24 -0.15 -12.18 0.06
CA PHE A 24 -1.25 -12.12 1.01
C PHE A 24 -1.74 -10.69 1.19
N LYS A 25 -2.68 -10.49 2.10
CA LYS A 25 -3.23 -9.17 2.36
C LYS A 25 -2.17 -8.24 2.94
N ILE A 26 -1.47 -7.53 2.07
CA ILE A 26 -0.43 -6.60 2.50
C ILE A 26 -0.39 -5.37 1.61
N TRP A 27 0.07 -4.25 2.17
CA TRP A 27 0.16 -3.00 1.43
C TRP A 27 -1.21 -2.58 0.92
N LYS A 28 -1.91 -1.77 1.71
CA LYS A 28 -3.24 -1.29 1.33
C LYS A 28 -3.32 0.23 1.46
N CYS A 29 -4.33 0.82 0.83
CA CYS A 29 -4.52 2.26 0.86
C CYS A 29 -5.05 2.70 2.23
N VAL A 30 -4.19 3.30 3.03
CA VAL A 30 -4.56 3.76 4.36
C VAL A 30 -3.87 5.08 4.70
N GLU A 31 -4.65 6.06 5.13
CA GLU A 31 -4.12 7.37 5.48
C GLU A 31 -3.48 8.05 4.27
N ASN A 32 -4.05 7.79 3.10
CA ASN A 32 -3.54 8.38 1.86
C ASN A 32 -2.13 7.90 1.57
N VAL A 33 -1.79 6.72 2.09
CA VAL A 33 -0.46 6.15 1.88
C VAL A 33 -0.51 4.63 1.89
N CYS A 34 0.60 4.00 1.52
CA CYS A 34 0.68 2.54 1.49
C CYS A 34 1.07 1.99 2.86
N VAL A 35 0.14 1.29 3.50
CA VAL A 35 0.38 0.71 4.81
C VAL A 35 0.34 -0.81 4.75
N LEU A 36 1.20 -1.46 5.53
CA LEU A 36 1.26 -2.92 5.56
C LEU A 36 0.09 -3.49 6.35
N TRP A 37 0.13 -4.80 6.58
CA TRP A 37 -0.92 -5.48 7.32
C TRP A 37 -0.78 -5.23 8.82
N TYR A 38 -1.85 -4.76 9.44
CA TYR A 38 -1.84 -4.49 10.88
C TYR A 38 -3.19 -3.92 11.33
N LYS A 39 -3.60 -4.29 12.54
CA LYS A 39 -4.87 -3.83 13.09
C LYS A 39 -4.81 -2.34 13.41
N GLY A 1 17.24 4.89 7.02
CA GLY A 1 17.68 5.89 7.97
C GLY A 1 16.51 6.60 8.65
N GLU A 2 15.69 5.83 9.36
CA GLU A 2 14.54 6.38 10.05
C GLU A 2 13.67 7.18 9.10
N ASP A 3 13.01 6.50 8.17
CA ASP A 3 12.15 7.15 7.21
C ASP A 3 11.10 6.18 6.66
N ILE A 4 9.88 6.28 7.20
CA ILE A 4 8.80 5.41 6.78
C ILE A 4 7.90 6.11 5.76
N GLY A 5 8.06 5.74 4.49
CA GLY A 5 7.26 6.34 3.44
C GLY A 5 6.95 5.37 2.33
N HIS A 6 7.42 5.66 1.12
CA HIS A 6 7.19 4.80 -0.04
C HIS A 6 5.70 4.72 -0.35
N ILE A 7 5.05 5.87 -0.44
CA ILE A 7 3.62 5.93 -0.74
C ILE A 7 3.38 6.38 -2.17
N LYS A 8 2.24 6.00 -2.73
CA LYS A 8 1.88 6.37 -4.09
C LYS A 8 0.38 6.65 -4.20
N TYR A 9 -0.15 7.38 -3.24
CA TYR A 9 -1.57 7.72 -3.24
C TYR A 9 -2.43 6.46 -3.22
N CYS A 10 -3.74 6.65 -3.25
CA CYS A 10 -4.67 5.53 -3.23
C CYS A 10 -4.58 4.72 -4.52
N GLY A 11 -4.67 3.39 -4.41
CA GLY A 11 -4.59 2.54 -5.57
C GLY A 11 -5.85 2.59 -6.42
N ILE A 12 -6.00 1.61 -7.30
CA ILE A 12 -7.17 1.55 -8.17
C ILE A 12 -8.44 1.35 -7.38
N VAL A 13 -8.35 0.56 -6.31
CA VAL A 13 -9.50 0.27 -5.47
C VAL A 13 -9.07 0.01 -4.03
N ASP A 14 -8.21 -0.98 -3.84
CA ASP A 14 -7.72 -1.33 -2.52
C ASP A 14 -6.47 -2.20 -2.61
N ASP A 15 -5.71 -2.00 -3.69
CA ASP A 15 -4.48 -2.76 -3.90
C ASP A 15 -3.26 -1.86 -3.79
N CYS A 16 -3.28 -0.75 -4.53
CA CYS A 16 -2.17 0.20 -4.53
C CYS A 16 -0.98 -0.37 -5.28
N TYR A 17 -0.35 -1.39 -4.70
CA TYR A 17 0.82 -2.02 -5.31
C TYR A 17 0.39 -2.97 -6.42
N LYS A 18 1.13 -2.95 -7.53
CA LYS A 18 0.84 -3.81 -8.67
C LYS A 18 1.70 -5.06 -8.63
N SER A 19 1.04 -6.22 -8.62
CA SER A 19 1.75 -7.50 -8.58
C SER A 19 0.84 -8.63 -9.04
N LYS A 20 1.30 -9.87 -8.85
CA LYS A 20 0.53 -11.05 -9.23
C LYS A 20 -0.31 -11.56 -8.07
N LYS A 21 -0.61 -10.67 -7.12
CA LYS A 21 -1.40 -11.04 -5.96
C LYS A 21 -0.71 -12.12 -5.14
N PRO A 22 0.34 -11.71 -4.41
CA PRO A 22 1.12 -12.63 -3.57
C PRO A 22 0.32 -13.11 -2.35
N LEU A 23 0.98 -13.89 -1.49
CA LEU A 23 0.33 -14.42 -0.29
C LEU A 23 0.41 -13.40 0.85
N PHE A 24 1.40 -12.53 0.79
CA PHE A 24 1.58 -11.52 1.83
C PHE A 24 0.76 -10.27 1.51
N LYS A 25 -0.01 -9.81 2.49
CA LYS A 25 -0.85 -8.63 2.32
C LYS A 25 -0.10 -7.37 2.74
N ILE A 26 0.11 -6.46 1.80
CA ILE A 26 0.80 -5.22 2.08
C ILE A 26 0.39 -4.11 1.09
N TRP A 27 0.48 -2.87 1.54
CA TRP A 27 0.12 -1.73 0.69
C TRP A 27 -1.36 -1.77 0.34
N LYS A 28 -2.13 -0.86 0.91
CA LYS A 28 -3.57 -0.80 0.65
C LYS A 28 -4.04 0.66 0.60
N CYS A 29 -5.13 0.89 -0.12
CA CYS A 29 -5.69 2.22 -0.24
C CYS A 29 -6.39 2.65 1.05
N VAL A 30 -5.74 3.53 1.80
CA VAL A 30 -6.30 4.02 3.06
C VAL A 30 -5.89 5.47 3.32
N GLU A 31 -6.87 6.29 3.70
CA GLU A 31 -6.61 7.70 3.99
C GLU A 31 -6.04 8.40 2.76
N ASN A 32 -6.46 7.94 1.57
CA ASN A 32 -6.00 8.53 0.33
C ASN A 32 -4.49 8.34 0.15
N VAL A 33 -3.95 7.29 0.77
CA VAL A 33 -2.52 6.99 0.69
C VAL A 33 -2.27 5.50 0.79
N CYS A 34 -1.03 5.11 0.53
CA CYS A 34 -0.64 3.70 0.58
C CYS A 34 -0.18 3.32 1.99
N VAL A 35 -0.95 2.45 2.63
CA VAL A 35 -0.63 1.99 3.99
C VAL A 35 -0.17 0.54 3.99
N LEU A 36 0.82 0.24 4.82
CA LEU A 36 1.36 -1.11 4.91
C LEU A 36 0.52 -1.96 5.87
N TRP A 37 0.94 -3.21 6.07
CA TRP A 37 0.23 -4.11 6.95
C TRP A 37 0.62 -3.86 8.41
N TYR A 38 -0.28 -4.22 9.32
CA TYR A 38 -0.02 -4.04 10.74
C TYR A 38 0.38 -2.60 11.04
N LYS A 39 -0.62 -1.75 11.26
CA LYS A 39 -0.36 -0.33 11.55
C LYS A 39 0.50 -0.19 12.80
N GLY A 1 14.01 -0.31 6.31
CA GLY A 1 15.11 0.53 6.75
C GLY A 1 14.99 1.96 6.26
N GLU A 2 15.35 2.19 5.00
CA GLU A 2 15.28 3.52 4.42
C GLU A 2 14.20 3.58 3.33
N ASP A 3 12.97 3.83 3.75
CA ASP A 3 11.85 3.91 2.82
C ASP A 3 10.84 4.96 3.28
N ILE A 4 11.15 6.22 3.02
CA ILE A 4 10.27 7.32 3.41
C ILE A 4 9.94 8.21 2.21
N GLY A 5 8.83 7.90 1.55
CA GLY A 5 8.42 8.68 0.39
C GLY A 5 7.93 7.81 -0.75
N HIS A 6 6.85 7.08 -0.52
CA HIS A 6 6.28 6.21 -1.54
C HIS A 6 4.76 6.16 -1.44
N ILE A 7 4.12 7.28 -1.79
CA ILE A 7 2.66 7.36 -1.73
C ILE A 7 2.09 7.81 -3.07
N LYS A 8 0.91 7.30 -3.41
CA LYS A 8 0.26 7.66 -4.66
C LYS A 8 -1.22 7.98 -4.43
N TYR A 9 -1.54 8.38 -3.21
CA TYR A 9 -2.92 8.71 -2.85
C TYR A 9 -3.88 7.61 -3.26
N CYS A 10 -3.93 6.54 -2.48
CA CYS A 10 -4.80 5.41 -2.76
C CYS A 10 -4.41 4.74 -4.06
N GLY A 11 -4.81 3.47 -4.22
CA GLY A 11 -4.49 2.73 -5.43
C GLY A 11 -5.60 2.78 -6.44
N ILE A 12 -6.62 1.95 -6.25
CA ILE A 12 -7.76 1.90 -7.16
C ILE A 12 -8.81 0.91 -6.67
N VAL A 13 -8.36 -0.22 -6.13
CA VAL A 13 -9.26 -1.23 -5.62
C VAL A 13 -8.66 -1.96 -4.42
N ASP A 14 -8.34 -1.19 -3.38
CA ASP A 14 -7.76 -1.76 -2.17
C ASP A 14 -6.55 -2.62 -2.50
N ASP A 15 -5.77 -2.18 -3.47
CA ASP A 15 -4.57 -2.91 -3.88
C ASP A 15 -3.33 -2.03 -3.77
N CYS A 16 -3.33 -0.92 -4.49
CA CYS A 16 -2.19 0.00 -4.47
C CYS A 16 -0.99 -0.59 -5.20
N TYR A 17 -0.42 -1.64 -4.63
CA TYR A 17 0.74 -2.30 -5.23
C TYR A 17 0.48 -2.61 -6.70
N LYS A 18 1.55 -2.97 -7.41
CA LYS A 18 1.45 -3.30 -8.83
C LYS A 18 1.34 -4.80 -9.04
N SER A 19 0.36 -5.42 -8.38
CA SER A 19 0.16 -6.86 -8.50
C SER A 19 1.47 -7.60 -8.34
N LYS A 20 2.06 -7.51 -7.16
CA LYS A 20 3.33 -8.18 -6.89
C LYS A 20 3.09 -9.56 -6.29
N LYS A 21 1.86 -10.03 -6.38
CA LYS A 21 1.50 -11.35 -5.85
C LYS A 21 1.95 -11.49 -4.40
N PRO A 22 1.32 -10.73 -3.50
CA PRO A 22 1.64 -10.76 -2.07
C PRO A 22 1.21 -12.07 -1.41
N LEU A 23 1.51 -12.20 -0.11
CA LEU A 23 1.16 -13.39 0.64
C LEU A 23 -0.08 -13.16 1.48
N PHE A 24 -0.28 -11.92 1.91
CA PHE A 24 -1.43 -11.56 2.72
C PHE A 24 -1.83 -10.10 2.50
N LYS A 25 -1.51 -9.58 1.32
CA LYS A 25 -1.83 -8.21 0.98
C LYS A 25 -1.12 -7.24 1.91
N ILE A 26 0.03 -6.74 1.47
CA ILE A 26 0.80 -5.79 2.26
C ILE A 26 0.33 -4.36 2.04
N TRP A 27 0.59 -3.83 0.85
CA TRP A 27 0.18 -2.47 0.52
C TRP A 27 -1.31 -2.41 0.19
N LYS A 28 -2.02 -1.51 0.86
CA LYS A 28 -3.46 -1.35 0.64
C LYS A 28 -3.87 0.11 0.80
N CYS A 29 -4.95 0.49 0.11
CA CYS A 29 -5.45 1.85 0.17
C CYS A 29 -6.15 2.11 1.51
N VAL A 30 -5.51 2.91 2.36
CA VAL A 30 -6.06 3.24 3.66
C VAL A 30 -5.72 4.67 4.07
N GLU A 31 -6.73 5.42 4.50
CA GLU A 31 -6.53 6.81 4.91
C GLU A 31 -6.05 7.65 3.74
N ASN A 32 -6.48 7.30 2.53
CA ASN A 32 -6.09 8.03 1.33
C ASN A 32 -4.59 7.94 1.10
N VAL A 33 -3.98 6.86 1.59
CA VAL A 33 -2.55 6.65 1.43
C VAL A 33 -2.21 5.16 1.37
N CYS A 34 -1.04 4.85 0.83
CA CYS A 34 -0.60 3.47 0.72
C CYS A 34 -0.02 2.97 2.04
N VAL A 35 -0.71 2.03 2.66
CA VAL A 35 -0.26 1.46 3.93
C VAL A 35 0.06 -0.03 3.80
N LEU A 36 1.15 -0.45 4.42
CA LEU A 36 1.56 -1.84 4.37
C LEU A 36 0.73 -2.69 5.33
N TRP A 37 1.11 -3.96 5.47
CA TRP A 37 0.41 -4.88 6.36
C TRP A 37 0.49 -4.41 7.81
N TYR A 38 -0.58 -4.64 8.56
CA TYR A 38 -0.63 -4.24 9.96
C TYR A 38 -0.53 -2.72 10.10
N LYS A 39 -1.68 -2.09 10.35
CA LYS A 39 -1.72 -0.63 10.51
C LYS A 39 -0.83 -0.19 11.65
N GLY A 1 9.43 10.07 10.64
CA GLY A 1 9.70 10.18 9.22
C GLY A 1 10.23 8.87 8.65
N GLU A 2 11.53 8.67 8.76
CA GLU A 2 12.17 7.46 8.24
C GLU A 2 11.83 7.26 6.77
N ASP A 3 12.56 7.95 5.90
CA ASP A 3 12.35 7.85 4.46
C ASP A 3 10.89 8.16 4.11
N ILE A 4 10.59 9.45 3.94
CA ILE A 4 9.23 9.88 3.61
C ILE A 4 8.95 9.67 2.12
N GLY A 5 8.75 8.43 1.73
CA GLY A 5 8.47 8.12 0.33
C GLY A 5 8.17 6.65 0.11
N HIS A 6 7.51 6.03 1.07
CA HIS A 6 7.16 4.61 0.98
C HIS A 6 5.68 4.43 0.67
N ILE A 7 5.08 5.45 0.03
CA ILE A 7 3.68 5.40 -0.31
C ILE A 7 3.45 5.85 -1.75
N LYS A 8 2.27 5.55 -2.29
CA LYS A 8 1.92 5.92 -3.65
C LYS A 8 0.57 6.63 -3.70
N TYR A 9 0.19 7.24 -2.57
CA TYR A 9 -1.08 7.95 -2.48
C TYR A 9 -2.24 7.06 -2.94
N CYS A 10 -2.54 6.03 -2.14
CA CYS A 10 -3.62 5.11 -2.46
C CYS A 10 -3.28 4.30 -3.71
N GLY A 11 -3.33 2.97 -3.59
CA GLY A 11 -3.03 2.11 -4.71
C GLY A 11 -3.84 2.46 -5.94
N ILE A 12 -5.15 2.24 -5.87
CA ILE A 12 -6.03 2.54 -6.99
C ILE A 12 -7.49 2.27 -6.63
N VAL A 13 -7.70 1.23 -5.83
CA VAL A 13 -9.05 0.87 -5.41
C VAL A 13 -9.01 -0.22 -4.33
N ASP A 14 -8.10 -1.17 -4.50
CA ASP A 14 -7.96 -2.27 -3.55
C ASP A 14 -6.83 -3.21 -3.97
N ASP A 15 -5.79 -2.65 -4.56
CA ASP A 15 -4.64 -3.43 -5.00
C ASP A 15 -3.36 -2.60 -5.00
N CYS A 16 -3.04 -2.03 -3.84
CA CYS A 16 -1.85 -1.21 -3.70
C CYS A 16 -0.59 -2.01 -4.00
N TYR A 17 -0.72 -3.33 -3.96
CA TYR A 17 0.41 -4.23 -4.23
C TYR A 17 0.25 -4.92 -5.58
N LYS A 18 -0.22 -4.17 -6.57
CA LYS A 18 -0.41 -4.71 -7.91
C LYS A 18 -1.50 -5.77 -7.92
N SER A 19 -1.61 -6.49 -9.03
CA SER A 19 -2.62 -7.54 -9.16
C SER A 19 -1.97 -8.88 -9.51
N LYS A 20 -2.77 -9.81 -9.99
CA LYS A 20 -2.28 -11.13 -10.37
C LYS A 20 -1.77 -11.89 -9.15
N LYS A 21 -2.23 -11.47 -7.97
CA LYS A 21 -1.82 -12.11 -6.73
C LYS A 21 -0.31 -12.04 -6.55
N PRO A 22 0.17 -10.96 -5.91
CA PRO A 22 1.60 -10.75 -5.67
C PRO A 22 2.16 -11.72 -4.63
N LEU A 23 3.39 -11.47 -4.19
CA LEU A 23 4.04 -12.31 -3.20
C LEU A 23 3.14 -12.53 -1.98
N PHE A 24 2.41 -11.47 -1.60
CA PHE A 24 1.51 -11.54 -0.46
C PHE A 24 0.61 -10.31 -0.40
N LYS A 25 -0.53 -10.45 0.25
CA LYS A 25 -1.48 -9.34 0.39
C LYS A 25 -1.32 -8.66 1.74
N ILE A 26 -0.89 -7.40 1.71
CA ILE A 26 -0.70 -6.62 2.93
C ILE A 26 -0.99 -5.14 2.70
N TRP A 27 -0.32 -4.56 1.73
CA TRP A 27 -0.51 -3.15 1.39
C TRP A 27 -1.97 -2.86 1.05
N LYS A 28 -2.50 -1.78 1.61
CA LYS A 28 -3.88 -1.40 1.36
C LYS A 28 -4.04 0.12 1.37
N CYS A 29 -4.99 0.62 0.59
CA CYS A 29 -5.24 2.06 0.50
C CYS A 29 -5.92 2.57 1.77
N VAL A 30 -5.15 3.25 2.61
CA VAL A 30 -5.68 3.80 3.86
C VAL A 30 -5.19 5.23 4.08
N GLU A 31 -6.12 6.13 4.36
CA GLU A 31 -5.77 7.53 4.60
C GLU A 31 -5.17 8.17 3.36
N ASN A 32 -5.63 7.72 2.19
CA ASN A 32 -5.14 8.24 0.92
C ASN A 32 -3.66 7.93 0.75
N VAL A 33 -3.19 6.86 1.40
CA VAL A 33 -1.79 6.46 1.31
C VAL A 33 -1.65 4.95 1.49
N CYS A 34 -0.59 4.39 0.90
CA CYS A 34 -0.33 2.97 0.99
C CYS A 34 0.14 2.58 2.38
N VAL A 35 -0.69 1.83 3.11
CA VAL A 35 -0.34 1.41 4.46
C VAL A 35 -0.24 -0.12 4.54
N LEU A 36 0.60 -0.60 5.45
CA LEU A 36 0.79 -2.04 5.62
C LEU A 36 -0.21 -2.58 6.64
N TRP A 37 0.02 -3.83 7.06
CA TRP A 37 -0.86 -4.47 8.05
C TRP A 37 -1.04 -3.59 9.27
N TYR A 38 0.00 -2.81 9.59
CA TYR A 38 -0.05 -1.93 10.75
C TYR A 38 -0.60 -0.56 10.36
N LYS A 39 -1.89 -0.37 10.60
CA LYS A 39 -2.55 0.90 10.28
C LYS A 39 -2.16 1.98 11.27
N GLY A 1 13.03 18.79 3.23
CA GLY A 1 13.62 18.58 1.91
C GLY A 1 13.11 17.32 1.24
N GLU A 2 11.97 17.43 0.57
CA GLU A 2 11.37 16.29 -0.11
C GLU A 2 11.07 15.16 0.88
N ASP A 3 10.58 14.04 0.36
CA ASP A 3 10.25 12.89 1.19
C ASP A 3 10.81 11.61 0.58
N ILE A 4 11.19 10.66 1.43
CA ILE A 4 11.73 9.40 0.98
C ILE A 4 10.86 8.23 1.44
N GLY A 5 10.38 7.44 0.48
CA GLY A 5 9.54 6.30 0.81
C GLY A 5 9.07 5.55 -0.43
N HIS A 6 8.60 4.32 -0.23
CA HIS A 6 8.12 3.50 -1.33
C HIS A 6 6.60 3.42 -1.33
N ILE A 7 5.96 4.54 -1.00
CA ILE A 7 4.50 4.59 -0.95
C ILE A 7 3.93 5.21 -2.23
N LYS A 8 2.63 5.06 -2.43
CA LYS A 8 1.96 5.60 -3.61
C LYS A 8 0.57 6.12 -3.25
N TYR A 9 0.46 6.75 -2.08
CA TYR A 9 -0.82 7.29 -1.63
C TYR A 9 -1.89 6.20 -1.60
N CYS A 10 -3.11 6.59 -1.23
CA CYS A 10 -4.22 5.65 -1.17
C CYS A 10 -4.55 5.09 -2.55
N GLY A 11 -4.94 3.82 -2.58
CA GLY A 11 -5.27 3.19 -3.85
C GLY A 11 -6.72 3.40 -4.24
N ILE A 12 -7.20 2.60 -5.18
CA ILE A 12 -8.58 2.70 -5.64
C ILE A 12 -9.55 2.67 -4.48
N VAL A 13 -9.21 1.90 -3.44
CA VAL A 13 -10.06 1.79 -2.27
C VAL A 13 -9.40 0.90 -1.20
N ASP A 14 -8.70 -0.13 -1.66
CA ASP A 14 -8.03 -1.05 -0.75
C ASP A 14 -7.12 -2.01 -1.52
N ASP A 15 -6.32 -1.46 -2.42
CA ASP A 15 -5.41 -2.27 -3.23
C ASP A 15 -4.35 -1.40 -3.89
N CYS A 16 -3.88 -0.39 -3.16
CA CYS A 16 -2.87 0.52 -3.68
C CYS A 16 -1.69 -0.26 -4.26
N TYR A 17 -1.27 -1.31 -3.56
CA TYR A 17 -0.16 -2.12 -4.00
C TYR A 17 -0.42 -2.70 -5.39
N LYS A 18 0.53 -2.49 -6.30
CA LYS A 18 0.41 -2.99 -7.66
C LYS A 18 1.23 -4.25 -7.86
N SER A 19 1.56 -4.92 -6.76
CA SER A 19 2.35 -6.15 -6.81
C SER A 19 1.70 -7.16 -7.73
N LYS A 20 2.52 -7.80 -8.58
CA LYS A 20 2.03 -8.80 -9.52
C LYS A 20 2.14 -10.19 -8.92
N LYS A 21 2.29 -10.26 -7.60
CA LYS A 21 2.41 -11.54 -6.91
C LYS A 21 2.52 -11.33 -5.40
N PRO A 22 1.44 -10.85 -4.78
CA PRO A 22 1.40 -10.60 -3.33
C PRO A 22 1.40 -11.89 -2.53
N LEU A 23 1.10 -11.77 -1.23
CA LEU A 23 1.07 -12.92 -0.35
C LEU A 23 -0.15 -12.88 0.57
N PHE A 24 -1.21 -13.56 0.16
CA PHE A 24 -2.45 -13.61 0.94
C PHE A 24 -3.01 -12.21 1.14
N LYS A 25 -2.95 -11.40 0.08
CA LYS A 25 -3.47 -10.03 0.12
C LYS A 25 -2.69 -9.21 1.14
N ILE A 26 -1.81 -8.34 0.64
CA ILE A 26 -1.01 -7.48 1.50
C ILE A 26 -1.11 -6.02 1.07
N TRP A 27 -0.83 -5.11 2.00
CA TRP A 27 -0.88 -3.68 1.71
C TRP A 27 -2.31 -3.24 1.43
N LYS A 28 -2.71 -2.12 2.02
CA LYS A 28 -4.05 -1.59 1.83
C LYS A 28 -4.07 -0.07 2.01
N CYS A 29 -5.17 0.56 1.63
CA CYS A 29 -5.31 2.01 1.75
C CYS A 29 -5.52 2.42 3.20
N VAL A 30 -4.48 2.96 3.81
CA VAL A 30 -4.55 3.41 5.20
C VAL A 30 -3.69 4.63 5.44
N GLU A 31 -4.22 5.60 6.17
CA GLU A 31 -3.50 6.83 6.47
C GLU A 31 -3.01 7.50 5.19
N ASN A 32 -3.79 7.34 4.12
CA ASN A 32 -3.44 7.93 2.84
C ASN A 32 -2.14 7.34 2.30
N VAL A 33 -1.84 6.11 2.71
CA VAL A 33 -0.64 5.43 2.26
C VAL A 33 -0.84 3.91 2.23
N CYS A 34 0.13 3.21 1.66
CA CYS A 34 0.05 1.75 1.57
C CYS A 34 0.58 1.10 2.85
N VAL A 35 -0.31 0.47 3.60
CA VAL A 35 0.05 -0.20 4.84
C VAL A 35 -0.27 -1.69 4.79
N LEU A 36 0.70 -2.51 5.15
CA LEU A 36 0.52 -3.96 5.15
C LEU A 36 -0.73 -4.36 5.93
N TRP A 37 -1.13 -5.62 5.80
CA TRP A 37 -2.31 -6.12 6.48
C TRP A 37 -2.25 -5.81 7.98
N TYR A 38 -3.41 -5.66 8.60
CA TYR A 38 -3.49 -5.36 10.02
C TYR A 38 -2.84 -4.00 10.33
N LYS A 39 -3.66 -2.99 10.52
CA LYS A 39 -3.17 -1.65 10.83
C LYS A 39 -2.28 -1.13 9.70
N GLY A 1 6.21 14.43 -2.12
CA GLY A 1 6.27 15.02 -3.45
C GLY A 1 7.14 14.22 -4.39
N GLU A 2 8.45 14.34 -4.24
CA GLU A 2 9.38 13.62 -5.09
C GLU A 2 10.28 12.71 -4.26
N ASP A 3 9.70 12.04 -3.27
CA ASP A 3 10.44 11.13 -2.41
C ASP A 3 9.87 9.72 -2.50
N ILE A 4 10.75 8.76 -2.77
CA ILE A 4 10.35 7.35 -2.88
C ILE A 4 11.11 6.48 -1.90
N GLY A 5 10.37 5.76 -1.05
CA GLY A 5 10.99 4.89 -0.07
C GLY A 5 10.33 3.53 0.01
N HIS A 6 9.47 3.36 1.02
CA HIS A 6 8.77 2.09 1.20
C HIS A 6 7.26 2.30 1.17
N ILE A 7 6.83 3.37 0.50
CA ILE A 7 5.41 3.67 0.40
C ILE A 7 5.07 4.24 -0.98
N LYS A 8 3.81 4.62 -1.16
CA LYS A 8 3.35 5.16 -2.43
C LYS A 8 1.96 5.78 -2.29
N TYR A 9 1.70 6.35 -1.12
CA TYR A 9 0.40 6.98 -0.85
C TYR A 9 -0.73 5.97 -1.01
N CYS A 10 -1.97 6.47 -0.95
CA CYS A 10 -3.14 5.62 -1.08
C CYS A 10 -3.16 4.93 -2.45
N GLY A 11 -4.26 4.28 -2.76
CA GLY A 11 -4.39 3.59 -4.04
C GLY A 11 -5.61 4.02 -4.82
N ILE A 12 -6.01 3.22 -5.79
CA ILE A 12 -7.17 3.52 -6.61
C ILE A 12 -8.44 3.63 -5.76
N VAL A 13 -8.52 2.81 -4.72
CA VAL A 13 -9.67 2.82 -3.83
C VAL A 13 -9.49 1.84 -2.68
N ASP A 14 -8.85 0.71 -2.97
CA ASP A 14 -8.60 -0.32 -1.97
C ASP A 14 -7.52 -1.29 -2.43
N ASP A 15 -6.63 -0.81 -3.29
CA ASP A 15 -5.56 -1.64 -3.81
C ASP A 15 -4.20 -1.14 -3.32
N CYS A 16 -3.86 0.10 -3.68
CA CYS A 16 -2.60 0.70 -3.28
C CYS A 16 -1.43 0.07 -4.04
N TYR A 17 -1.15 -1.19 -3.76
CA TYR A 17 -0.06 -1.91 -4.41
C TYR A 17 -0.48 -2.37 -5.80
N LYS A 18 0.41 -2.17 -6.77
CA LYS A 18 0.14 -2.57 -8.15
C LYS A 18 0.50 -4.04 -8.38
N SER A 19 -0.04 -4.91 -7.54
CA SER A 19 0.22 -6.33 -7.65
C SER A 19 1.72 -6.60 -7.70
N LYS A 20 2.39 -6.44 -6.57
CA LYS A 20 3.83 -6.67 -6.48
C LYS A 20 4.13 -8.07 -5.98
N LYS A 21 3.28 -9.02 -6.34
CA LYS A 21 3.45 -10.41 -5.92
C LYS A 21 3.44 -10.53 -4.41
N PRO A 22 2.28 -10.20 -3.80
CA PRO A 22 2.11 -10.27 -2.35
C PRO A 22 2.07 -11.70 -1.83
N LEU A 23 1.72 -11.86 -0.56
CA LEU A 23 1.66 -13.18 0.06
C LEU A 23 0.21 -13.56 0.37
N PHE A 24 -0.55 -12.61 0.90
CA PHE A 24 -1.94 -12.85 1.24
C PHE A 24 -2.59 -11.59 1.82
N LYS A 25 -3.17 -10.77 0.95
CA LYS A 25 -3.82 -9.54 1.38
C LYS A 25 -2.83 -8.64 2.12
N ILE A 26 -2.25 -7.68 1.39
CA ILE A 26 -1.29 -6.75 1.98
C ILE A 26 -1.34 -5.40 1.28
N TRP A 27 -1.04 -4.35 2.03
CA TRP A 27 -1.04 -2.99 1.48
C TRP A 27 -2.45 -2.57 1.07
N LYS A 28 -2.99 -1.56 1.75
CA LYS A 28 -4.33 -1.07 1.46
C LYS A 28 -4.38 0.45 1.56
N CYS A 29 -5.34 1.05 0.86
CA CYS A 29 -5.50 2.50 0.88
C CYS A 29 -6.07 2.98 2.21
N VAL A 30 -5.22 3.56 3.04
CA VAL A 30 -5.65 4.06 4.34
C VAL A 30 -4.80 5.25 4.77
N GLU A 31 -5.46 6.28 5.31
CA GLU A 31 -4.76 7.47 5.77
C GLU A 31 -3.89 8.05 4.65
N ASN A 32 -4.33 7.87 3.41
CA ASN A 32 -3.59 8.37 2.26
C ASN A 32 -2.22 7.71 2.16
N VAL A 33 -2.13 6.47 2.64
CA VAL A 33 -0.88 5.73 2.61
C VAL A 33 -1.13 4.23 2.51
N CYS A 34 -0.07 3.47 2.27
CA CYS A 34 -0.17 2.02 2.16
C CYS A 34 -0.05 1.36 3.53
N VAL A 35 -1.13 0.71 3.97
CA VAL A 35 -1.14 0.03 5.26
C VAL A 35 -1.21 -1.49 5.08
N LEU A 36 -0.45 -2.20 5.90
CA LEU A 36 -0.43 -3.66 5.84
C LEU A 36 -1.68 -4.25 6.49
N TRP A 37 -1.81 -5.58 6.40
CA TRP A 37 -2.97 -6.26 6.98
C TRP A 37 -3.09 -5.96 8.46
N TYR A 38 -4.14 -6.49 9.09
CA TYR A 38 -4.36 -6.28 10.51
C TYR A 38 -4.53 -7.61 11.24
N LYS A 39 -3.57 -7.94 12.10
CA LYS A 39 -3.61 -9.18 12.86
C LYS A 39 -4.93 -9.34 13.59
N GLY A 1 15.12 10.66 15.12
CA GLY A 1 15.17 10.94 13.70
C GLY A 1 14.35 9.93 12.89
N GLU A 2 13.20 10.38 12.40
CA GLU A 2 12.33 9.51 11.61
C GLU A 2 12.12 10.08 10.21
N ASP A 3 12.17 9.22 9.21
CA ASP A 3 11.97 9.63 7.83
C ASP A 3 11.27 8.55 7.02
N ILE A 4 9.99 8.35 7.30
CA ILE A 4 9.21 7.34 6.60
C ILE A 4 8.34 7.96 5.51
N GLY A 5 8.87 8.02 4.29
CA GLY A 5 8.14 8.59 3.19
C GLY A 5 8.17 7.71 1.95
N HIS A 6 7.64 6.50 2.08
CA HIS A 6 7.60 5.56 0.96
C HIS A 6 6.18 5.35 0.47
N ILE A 7 5.43 6.44 0.32
CA ILE A 7 4.05 6.37 -0.15
C ILE A 7 3.92 6.95 -1.55
N LYS A 8 3.05 6.34 -2.34
CA LYS A 8 2.82 6.80 -3.71
C LYS A 8 1.33 7.04 -3.96
N TYR A 9 0.65 7.56 -2.95
CA TYR A 9 -0.79 7.84 -3.06
C TYR A 9 -1.57 6.55 -3.26
N CYS A 10 -2.86 6.71 -3.57
CA CYS A 10 -3.73 5.55 -3.79
C CYS A 10 -3.34 4.81 -5.07
N GLY A 11 -3.54 3.50 -5.06
CA GLY A 11 -3.21 2.69 -6.22
C GLY A 11 -4.23 2.81 -7.32
N ILE A 12 -5.40 2.22 -7.10
CA ILE A 12 -6.47 2.27 -8.10
C ILE A 12 -7.72 1.56 -7.58
N VAL A 13 -7.52 0.42 -6.93
CA VAL A 13 -8.64 -0.35 -6.39
C VAL A 13 -8.19 -1.19 -5.19
N ASP A 14 -7.72 -0.51 -4.15
CA ASP A 14 -7.26 -1.18 -2.94
C ASP A 14 -6.27 -2.29 -3.27
N ASP A 15 -5.42 -2.03 -4.25
CA ASP A 15 -4.42 -3.02 -4.68
C ASP A 15 -3.01 -2.43 -4.60
N CYS A 16 -2.79 -1.37 -5.36
CA CYS A 16 -1.48 -0.71 -5.38
C CYS A 16 -0.44 -1.58 -6.08
N TYR A 17 -0.07 -2.68 -5.44
CA TYR A 17 0.91 -3.60 -6.00
C TYR A 17 0.55 -3.98 -7.43
N LYS A 18 1.48 -4.62 -8.12
CA LYS A 18 1.27 -5.05 -9.50
C LYS A 18 0.40 -6.31 -9.54
N SER A 19 1.00 -7.44 -9.22
CA SER A 19 0.29 -8.72 -9.23
C SER A 19 -0.94 -8.65 -8.34
N LYS A 20 -1.99 -9.37 -8.74
CA LYS A 20 -3.23 -9.40 -8.00
C LYS A 20 -3.30 -10.63 -7.09
N LYS A 21 -2.13 -11.14 -6.70
CA LYS A 21 -2.06 -12.30 -5.84
C LYS A 21 -0.91 -12.16 -4.84
N PRO A 22 -1.06 -11.22 -3.89
CA PRO A 22 -0.05 -10.97 -2.86
C PRO A 22 0.04 -12.10 -1.85
N LEU A 23 0.88 -11.92 -0.84
CA LEU A 23 1.07 -12.93 0.20
C LEU A 23 0.10 -12.70 1.36
N PHE A 24 0.19 -11.52 1.96
CA PHE A 24 -0.68 -11.17 3.08
C PHE A 24 -0.88 -9.66 3.16
N LYS A 25 -1.43 -9.09 2.10
CA LYS A 25 -1.68 -7.66 2.05
C LYS A 25 -0.40 -6.87 2.28
N ILE A 26 0.42 -6.75 1.23
CA ILE A 26 1.67 -6.01 1.31
C ILE A 26 1.49 -4.54 0.96
N TRP A 27 0.47 -4.27 0.15
CA TRP A 27 0.18 -2.90 -0.26
C TRP A 27 -1.30 -2.73 -0.57
N LYS A 28 -1.92 -1.73 0.05
CA LYS A 28 -3.34 -1.45 -0.16
C LYS A 28 -3.61 0.04 -0.08
N CYS A 29 -4.57 0.50 -0.88
CA CYS A 29 -4.94 1.92 -0.88
C CYS A 29 -5.73 2.29 0.37
N VAL A 30 -5.08 2.98 1.29
CA VAL A 30 -5.72 3.40 2.53
C VAL A 30 -5.22 4.77 2.97
N GLU A 31 -6.15 5.66 3.32
CA GLU A 31 -5.80 6.99 3.76
C GLU A 31 -5.10 7.77 2.65
N ASN A 32 -5.53 7.53 1.41
CA ASN A 32 -4.95 8.21 0.27
C ASN A 32 -3.48 7.85 0.10
N VAL A 33 -3.09 6.70 0.65
CA VAL A 33 -1.72 6.24 0.57
C VAL A 33 -1.65 4.72 0.58
N CYS A 34 -0.57 4.17 0.02
CA CYS A 34 -0.39 2.72 -0.03
C CYS A 34 0.27 2.22 1.25
N VAL A 35 -0.48 1.46 2.04
CA VAL A 35 0.04 0.91 3.29
C VAL A 35 0.02 -0.61 3.26
N LEU A 36 0.94 -1.22 4.00
CA LEU A 36 1.04 -2.67 4.07
C LEU A 36 0.05 -3.24 5.08
N TRP A 37 0.19 -4.53 5.39
CA TRP A 37 -0.69 -5.19 6.34
C TRP A 37 -0.68 -4.47 7.68
N TYR A 38 -1.51 -4.94 8.61
CA TYR A 38 -1.60 -4.33 9.93
C TYR A 38 -1.02 -5.27 11.00
N LYS A 39 0.23 -5.02 11.38
CA LYS A 39 0.88 -5.82 12.40
C LYS A 39 0.95 -7.28 11.97
N GLY A 1 19.58 9.45 2.45
CA GLY A 1 19.58 10.74 3.14
C GLY A 1 18.18 11.21 3.47
N GLU A 2 17.25 10.98 2.55
CA GLU A 2 15.87 11.41 2.75
C GLU A 2 14.91 10.29 2.34
N ASP A 3 14.54 9.44 3.29
CA ASP A 3 13.62 8.34 3.03
C ASP A 3 12.49 8.33 4.05
N ILE A 4 11.31 8.81 3.63
CA ILE A 4 10.15 8.85 4.51
C ILE A 4 9.25 7.64 4.27
N GLY A 5 9.83 6.56 3.78
CA GLY A 5 9.06 5.36 3.51
C GLY A 5 8.90 5.08 2.03
N HIS A 6 7.83 4.38 1.68
CA HIS A 6 7.55 4.04 0.28
C HIS A 6 6.05 4.05 0.01
N ILE A 7 5.42 5.19 0.28
CA ILE A 7 3.98 5.32 0.06
C ILE A 7 3.68 5.58 -1.41
N LYS A 8 2.49 5.16 -1.86
CA LYS A 8 2.07 5.34 -3.24
C LYS A 8 0.66 5.90 -3.30
N TYR A 9 0.22 6.53 -2.22
CA TYR A 9 -1.11 7.11 -2.16
C TYR A 9 -2.18 6.05 -2.35
N CYS A 10 -3.43 6.41 -2.08
CA CYS A 10 -4.55 5.48 -2.22
C CYS A 10 -4.55 4.85 -3.61
N GLY A 11 -4.35 3.54 -3.65
CA GLY A 11 -4.33 2.83 -4.92
C GLY A 11 -5.65 2.93 -5.66
N ILE A 12 -6.46 1.88 -5.58
CA ILE A 12 -7.76 1.86 -6.24
C ILE A 12 -8.88 1.62 -5.25
N VAL A 13 -8.61 0.80 -4.24
CA VAL A 13 -9.60 0.48 -3.22
C VAL A 13 -9.01 -0.42 -2.14
N ASP A 14 -8.18 -1.37 -2.56
CA ASP A 14 -7.54 -2.30 -1.63
C ASP A 14 -6.43 -3.08 -2.32
N ASP A 15 -5.81 -2.46 -3.32
CA ASP A 15 -4.73 -3.08 -4.07
C ASP A 15 -3.66 -2.06 -4.44
N CYS A 16 -3.21 -1.29 -3.46
CA CYS A 16 -2.19 -0.28 -3.69
C CYS A 16 -0.97 -0.87 -4.38
N TYR A 17 -0.74 -2.17 -4.15
CA TYR A 17 0.40 -2.86 -4.74
C TYR A 17 0.01 -3.50 -6.06
N LYS A 18 0.91 -4.32 -6.61
CA LYS A 18 0.67 -4.99 -7.88
C LYS A 18 1.65 -6.15 -8.07
N SER A 19 2.87 -5.82 -8.49
CA SER A 19 3.89 -6.82 -8.72
C SER A 19 3.36 -7.96 -9.60
N LYS A 20 4.13 -9.04 -9.68
CA LYS A 20 3.74 -10.20 -10.48
C LYS A 20 3.01 -11.22 -9.62
N LYS A 21 1.89 -10.82 -9.04
CA LYS A 21 1.10 -11.71 -8.20
C LYS A 21 1.86 -12.10 -6.94
N PRO A 22 2.09 -11.11 -6.06
CA PRO A 22 2.82 -11.34 -4.80
C PRO A 22 2.02 -12.18 -3.81
N LEU A 23 2.46 -12.18 -2.56
CA LEU A 23 1.78 -12.94 -1.51
C LEU A 23 0.38 -12.40 -1.25
N PHE A 24 0.10 -11.21 -1.80
CA PHE A 24 -1.20 -10.59 -1.62
C PHE A 24 -1.40 -10.16 -0.17
N LYS A 25 -2.25 -9.15 0.02
CA LYS A 25 -2.54 -8.65 1.37
C LYS A 25 -1.28 -8.05 2.00
N ILE A 26 -1.03 -6.77 1.71
CA ILE A 26 0.13 -6.08 2.25
C ILE A 26 -0.08 -4.57 2.26
N TRP A 27 -0.70 -4.06 1.21
CA TRP A 27 -0.96 -2.62 1.10
C TRP A 27 -2.40 -2.38 0.69
N LYS A 28 -3.10 -1.54 1.46
CA LYS A 28 -4.49 -1.22 1.17
C LYS A 28 -4.71 0.29 1.24
N CYS A 29 -5.69 0.77 0.48
CA CYS A 29 -6.02 2.19 0.44
C CYS A 29 -6.74 2.62 1.72
N VAL A 30 -6.01 3.33 2.59
CA VAL A 30 -6.58 3.80 3.84
C VAL A 30 -6.01 5.16 4.22
N GLU A 31 -6.89 6.13 4.43
CA GLU A 31 -6.47 7.48 4.80
C GLU A 31 -5.64 8.12 3.69
N ASN A 32 -5.99 7.81 2.44
CA ASN A 32 -5.28 8.35 1.30
C ASN A 32 -3.83 7.88 1.28
N VAL A 33 -3.56 6.75 1.93
CA VAL A 33 -2.22 6.19 2.00
C VAL A 33 -2.26 4.67 2.10
N CYS A 34 -1.23 4.03 1.58
CA CYS A 34 -1.14 2.57 1.62
C CYS A 34 -0.72 2.09 3.00
N VAL A 35 -1.58 1.27 3.62
CA VAL A 35 -1.31 0.74 4.95
C VAL A 35 -1.44 -0.78 4.96
N LEU A 36 -0.71 -1.42 5.88
CA LEU A 36 -0.75 -2.88 5.99
C LEU A 36 -1.82 -3.31 7.00
N TRP A 37 -2.16 -4.60 6.96
CA TRP A 37 -3.17 -5.13 7.87
C TRP A 37 -2.85 -4.78 9.32
N TYR A 38 -1.56 -4.64 9.62
CA TYR A 38 -1.12 -4.31 10.97
C TYR A 38 -1.29 -2.83 11.24
N LYS A 39 -2.44 -2.46 11.81
CA LYS A 39 -2.72 -1.06 12.12
C LYS A 39 -2.55 -0.18 10.89
N GLY A 1 17.27 10.88 1.26
CA GLY A 1 18.16 10.80 2.40
C GLY A 1 17.42 10.61 3.70
N GLU A 2 16.72 11.64 4.15
CA GLU A 2 15.97 11.58 5.40
C GLU A 2 14.47 11.47 5.12
N ASP A 3 13.77 10.72 5.97
CA ASP A 3 12.33 10.54 5.81
C ASP A 3 12.01 9.84 4.49
N ILE A 4 12.73 8.76 4.21
CA ILE A 4 12.51 8.00 2.99
C ILE A 4 11.05 7.58 2.85
N GLY A 5 10.31 8.30 2.01
CA GLY A 5 8.91 7.98 1.80
C GLY A 5 8.69 7.10 0.59
N HIS A 6 7.58 6.38 0.58
CA HIS A 6 7.25 5.50 -0.54
C HIS A 6 5.75 5.22 -0.59
N ILE A 7 4.98 6.24 -0.96
CA ILE A 7 3.53 6.12 -1.05
C ILE A 7 3.04 6.47 -2.45
N LYS A 8 1.77 6.18 -2.71
CA LYS A 8 1.17 6.48 -4.00
C LYS A 8 -0.26 7.00 -3.84
N TYR A 9 -0.58 7.42 -2.62
CA TYR A 9 -1.92 7.95 -2.33
C TYR A 9 -3.00 6.99 -2.80
N CYS A 10 -3.36 6.05 -1.94
CA CYS A 10 -4.39 5.07 -2.26
C CYS A 10 -3.95 4.18 -3.42
N GLY A 11 -4.63 3.06 -3.60
CA GLY A 11 -4.30 2.15 -4.68
C GLY A 11 -5.33 2.17 -5.79
N ILE A 12 -6.55 1.73 -5.48
CA ILE A 12 -7.62 1.70 -6.47
C ILE A 12 -8.91 1.16 -5.85
N VAL A 13 -8.79 0.07 -5.09
CA VAL A 13 -9.94 -0.54 -4.44
C VAL A 13 -9.51 -1.38 -3.25
N ASP A 14 -8.40 -2.08 -3.39
CA ASP A 14 -7.88 -2.93 -2.31
C ASP A 14 -6.62 -3.66 -2.76
N ASP A 15 -5.82 -3.00 -3.59
CA ASP A 15 -4.58 -3.58 -4.09
C ASP A 15 -3.49 -2.52 -4.22
N CYS A 16 -3.29 -1.74 -3.17
CA CYS A 16 -2.29 -0.68 -3.17
C CYS A 16 -0.93 -1.22 -3.64
N TYR A 17 -0.67 -2.50 -3.36
CA TYR A 17 0.57 -3.13 -3.75
C TYR A 17 0.51 -3.62 -5.19
N LYS A 18 1.56 -4.30 -5.63
CA LYS A 18 1.63 -4.82 -6.99
C LYS A 18 2.12 -6.27 -7.00
N SER A 19 3.43 -6.44 -6.81
CA SER A 19 4.03 -7.77 -6.80
C SER A 19 3.67 -8.54 -8.06
N LYS A 20 4.09 -9.80 -8.13
CA LYS A 20 3.81 -10.65 -9.28
C LYS A 20 2.52 -11.43 -9.09
N LYS A 21 1.43 -10.72 -8.81
CA LYS A 21 0.14 -11.35 -8.60
C LYS A 21 0.16 -12.26 -7.37
N PRO A 22 0.29 -11.65 -6.19
CA PRO A 22 0.33 -12.39 -4.92
C PRO A 22 -1.02 -13.02 -4.58
N LEU A 23 -1.13 -13.55 -3.36
CA LEU A 23 -2.36 -14.17 -2.90
C LEU A 23 -2.92 -13.45 -1.68
N PHE A 24 -2.01 -12.91 -0.86
CA PHE A 24 -2.41 -12.19 0.34
C PHE A 24 -2.38 -10.68 0.12
N LYS A 25 -2.62 -9.92 1.18
CA LYS A 25 -2.63 -8.47 1.09
C LYS A 25 -1.84 -7.86 2.26
N ILE A 26 -0.88 -7.01 1.92
CA ILE A 26 -0.05 -6.35 2.94
C ILE A 26 -0.25 -4.83 2.90
N TRP A 27 -0.64 -4.32 1.75
CA TRP A 27 -0.87 -2.88 1.58
C TRP A 27 -2.33 -2.59 1.30
N LYS A 28 -2.89 -1.62 2.01
CA LYS A 28 -4.29 -1.24 1.83
C LYS A 28 -4.44 0.28 1.80
N CYS A 29 -5.47 0.76 1.12
CA CYS A 29 -5.74 2.18 1.02
C CYS A 29 -6.44 2.71 2.27
N VAL A 30 -5.93 3.80 2.82
CA VAL A 30 -6.50 4.39 4.02
C VAL A 30 -6.36 5.91 4.00
N GLU A 31 -7.49 6.61 3.87
CA GLU A 31 -7.48 8.07 3.83
C GLU A 31 -6.53 8.58 2.76
N ASN A 32 -6.60 7.98 1.58
CA ASN A 32 -5.74 8.38 0.46
C ASN A 32 -4.27 8.11 0.78
N VAL A 33 -4.02 7.02 1.50
CA VAL A 33 -2.66 6.65 1.88
C VAL A 33 -2.47 5.14 1.82
N CYS A 34 -1.21 4.71 1.78
CA CYS A 34 -0.89 3.29 1.72
C CYS A 34 -0.35 2.80 3.06
N VAL A 35 -1.13 1.96 3.73
CA VAL A 35 -0.73 1.41 5.02
C VAL A 35 -0.41 -0.07 4.92
N LEU A 36 0.51 -0.54 5.77
CA LEU A 36 0.90 -1.94 5.77
C LEU A 36 -0.11 -2.79 6.52
N TRP A 37 0.19 -4.08 6.64
CA TRP A 37 -0.70 -5.01 7.34
C TRP A 37 -1.05 -4.47 8.73
N TYR A 38 -2.26 -4.79 9.19
CA TYR A 38 -2.72 -4.35 10.49
C TYR A 38 -1.95 -5.04 11.61
N LYS A 39 -0.84 -4.44 12.02
CA LYS A 39 -0.01 -5.00 13.08
C LYS A 39 0.14 -4.02 14.23
N GLY A 1 17.34 13.04 8.70
CA GLY A 1 16.41 12.54 9.70
C GLY A 1 15.03 12.26 9.13
N GLU A 2 14.00 12.59 9.89
CA GLU A 2 12.63 12.37 9.46
C GLU A 2 12.38 10.89 9.17
N ASP A 3 11.14 10.57 8.82
CA ASP A 3 10.77 9.18 8.52
C ASP A 3 9.95 9.11 7.24
N ILE A 4 10.53 8.56 6.18
CA ILE A 4 9.84 8.43 4.90
C ILE A 4 9.29 7.02 4.71
N GLY A 5 8.80 6.74 3.50
CA GLY A 5 8.26 5.43 3.22
C GLY A 5 8.22 5.13 1.73
N HIS A 6 7.18 4.44 1.29
CA HIS A 6 7.03 4.09 -0.11
C HIS A 6 5.57 4.15 -0.54
N ILE A 7 4.95 5.31 -0.36
CA ILE A 7 3.56 5.49 -0.73
C ILE A 7 3.42 5.86 -2.20
N LYS A 8 2.18 5.90 -2.68
CA LYS A 8 1.91 6.24 -4.07
C LYS A 8 0.52 6.86 -4.23
N TYR A 9 0.04 7.48 -3.16
CA TYR A 9 -1.28 8.10 -3.17
C TYR A 9 -2.34 7.13 -3.66
N CYS A 10 -2.64 6.12 -2.85
CA CYS A 10 -3.64 5.12 -3.20
C CYS A 10 -3.20 4.32 -4.41
N GLY A 11 -3.72 3.10 -4.53
CA GLY A 11 -3.38 2.25 -5.66
C GLY A 11 -4.24 2.50 -6.87
N ILE A 12 -5.52 2.13 -6.77
CA ILE A 12 -6.46 2.32 -7.87
C ILE A 12 -7.86 1.84 -7.48
N VAL A 13 -7.91 0.80 -6.66
CA VAL A 13 -9.18 0.25 -6.21
C VAL A 13 -9.03 -0.51 -4.90
N ASP A 14 -8.44 -1.70 -4.97
CA ASP A 14 -8.24 -2.52 -3.78
C ASP A 14 -7.00 -3.40 -3.96
N ASP A 15 -5.89 -2.79 -4.35
CA ASP A 15 -4.64 -3.52 -4.55
C ASP A 15 -3.46 -2.77 -3.94
N CYS A 16 -3.14 -1.62 -4.51
CA CYS A 16 -2.03 -0.81 -4.03
C CYS A 16 -0.70 -1.53 -4.21
N TYR A 17 -0.71 -2.60 -5.00
CA TYR A 17 0.49 -3.38 -5.25
C TYR A 17 0.48 -3.94 -6.68
N LYS A 18 -0.39 -3.40 -7.52
CA LYS A 18 -0.49 -3.83 -8.90
C LYS A 18 -0.96 -5.29 -8.97
N SER A 19 -1.52 -5.67 -10.10
CA SER A 19 -2.01 -7.03 -10.30
C SER A 19 -0.86 -7.97 -10.65
N LYS A 20 0.13 -8.04 -9.76
CA LYS A 20 1.29 -8.90 -9.98
C LYS A 20 1.15 -10.19 -9.18
N LYS A 21 -0.06 -10.46 -8.69
CA LYS A 21 -0.32 -11.67 -7.91
C LYS A 21 0.50 -11.67 -6.62
N PRO A 22 0.09 -10.83 -5.65
CA PRO A 22 0.77 -10.71 -4.36
C PRO A 22 0.56 -11.96 -3.50
N LEU A 23 0.98 -11.86 -2.24
CA LEU A 23 0.83 -12.98 -1.30
C LEU A 23 -0.58 -13.04 -0.73
N PHE A 24 -0.89 -12.09 0.15
CA PHE A 24 -2.21 -12.03 0.78
C PHE A 24 -2.66 -10.59 0.94
N LYS A 25 -2.08 -9.90 1.92
CA LYS A 25 -2.43 -8.51 2.18
C LYS A 25 -1.27 -7.77 2.85
N ILE A 26 -0.43 -7.14 2.03
CA ILE A 26 0.72 -6.40 2.55
C ILE A 26 0.62 -4.92 2.21
N TRP A 27 -0.20 -4.61 1.20
CA TRP A 27 -0.39 -3.22 0.78
C TRP A 27 -1.81 -3.00 0.28
N LYS A 28 -2.43 -1.91 0.73
CA LYS A 28 -3.78 -1.58 0.31
C LYS A 28 -4.03 -0.08 0.39
N CYS A 29 -4.98 0.40 -0.41
CA CYS A 29 -5.31 1.82 -0.43
C CYS A 29 -6.07 2.22 0.83
N VAL A 30 -5.39 2.91 1.73
CA VAL A 30 -6.01 3.35 2.98
C VAL A 30 -5.43 4.70 3.43
N GLU A 31 -6.32 5.64 3.71
CA GLU A 31 -5.91 6.97 4.16
C GLU A 31 -5.11 7.68 3.06
N ASN A 32 -5.47 7.42 1.81
CA ASN A 32 -4.79 8.03 0.67
C ASN A 32 -3.32 7.60 0.62
N VAL A 33 -3.04 6.43 1.18
CA VAL A 33 -1.68 5.91 1.20
C VAL A 33 -1.68 4.39 1.21
N CYS A 34 -0.50 3.79 1.02
CA CYS A 34 -0.36 2.35 1.01
C CYS A 34 -0.13 1.81 2.42
N VAL A 35 -1.11 1.07 2.93
CA VAL A 35 -1.01 0.50 4.28
C VAL A 35 -1.03 -1.02 4.22
N LEU A 36 -0.37 -1.65 5.18
CA LEU A 36 -0.31 -3.10 5.25
C LEU A 36 -1.39 -3.65 6.17
N TRP A 37 -1.35 -4.95 6.44
CA TRP A 37 -2.32 -5.60 7.30
C TRP A 37 -2.42 -4.88 8.65
N TYR A 38 -1.32 -4.26 9.06
CA TYR A 38 -1.28 -3.54 10.33
C TYR A 38 -1.51 -4.49 11.50
N LYS A 39 -0.44 -4.79 12.21
CA LYS A 39 -0.51 -5.69 13.36
C LYS A 39 -1.58 -5.21 14.35
#